data_6DZO
#
_entry.id   6DZO
#
_cell.length_a   181.349
_cell.length_b   58.380
_cell.length_c   67.300
_cell.angle_alpha   90.000
_cell.angle_beta   94.890
_cell.angle_gamma   90.000
#
_symmetry.space_group_name_H-M   'C 1 2 1'
#
loop_
_entity.id
_entity.type
_entity.pdbx_description
1 polymer 'Tryptophan synthase alpha chain'
2 polymer 'Tryptophan synthase beta chain'
3 non-polymer '2-({[4-(TRIFLUOROMETHOXY)PHENYL]SULFONYL}AMINO)ETHYL DIHYDROGEN PHOSPHATE'
4 non-polymer 'DIMETHYL SULFOXIDE'
5 non-polymer 'CHLORIDE ION'
6 non-polymer 'CESIUM ION'
7 non-polymer 1,2-ETHANEDIOL
8 non-polymer (E)-N-({3-hydroxy-2-methyl-5-[(phosphonooxy)methyl]pyridin-4-yl}methylidene)-L-serine
9 water water
#
loop_
_entity_poly.entity_id
_entity_poly.type
_entity_poly.pdbx_seq_one_letter_code
_entity_poly.pdbx_strand_id
1 'polypeptide(L)'
;MERYENLFAQLNDRREGAFVPFVTLGDPGIEQSLKIIDTLIDAGADALELGVPFSDPLADGPTIQNANLRAFAAGVTPAQ
CFEMLALIREKHPTIPIGLLMYANLVFNNGIDAFYARCEQVGVDSVLVADVPVEESAPFRQAALRHNIAPIFICPPNADD
DLLRQVASYGRGYTYLLSRSGVTGAENRGALPLHHLIEKLKEYHAAPALQGFGISSPEQVSAAVRAGAAGAISGSAIVKI
IEKNLASPKQMLAELRSFVSAMKAASRA
;
A
2 'polypeptide(L)'
;TTLLNPYFGEFGGMYVPQILMPALNQLEEAFVSAQKDPEFQAQFADLLKNYAGRPTALTKCQNITAGTRTTLYLKREDLL
HGGAHKTNQVLGQALLAKRMGKSEIIAETGAGAHGVASALASALLGLKCRIYMGAKDVERQSPNVFRMRLMGAEVIPVHS
GSATLKDACNEALRDWSGSYETAHYMLGTAAGPHPYPTIVREFQRMIGEETKAQILDKEGRLPDAVIACVGGGSNAIGMF
ADFINDTSVGLIGVEPGGHGIETGEHGAPLKHGRVGIYFGMKAPMMQTADGQIEESYSISAGLDFPSVGPQHAYLNSIGR
ADYVSITDDEALEAFKTLCRHEGIIPALESSHALAHALKMMREQPEKEQLLVVNLSGRGDKDIFTVHDILKARG
;
B
#
loop_
_chem_comp.id
_chem_comp.type
_chem_comp.name
_chem_comp.formula
CL non-polymer 'CHLORIDE ION' 'Cl -1'
CS non-polymer 'CESIUM ION' 'Cs 1'
DMS non-polymer 'DIMETHYL SULFOXIDE' 'C2 H6 O S'
EDO non-polymer 1,2-ETHANEDIOL 'C2 H6 O2'
F9F non-polymer '2-({[4-(TRIFLUOROMETHOXY)PHENYL]SULFONYL}AMINO)ETHYL DIHYDROGEN PHOSPHATE' 'C9 H11 F3 N O7 P S'
KOU non-polymer (E)-N-({3-hydroxy-2-methyl-5-[(phosphonooxy)methyl]pyridin-4-yl}methylidene)-L-serine 'C11 H15 N2 O8 P'
#
# COMPACT_ATOMS: atom_id res chain seq x y z
N MET A 1 -10.46 -13.82 25.31
CA MET A 1 -9.41 -14.81 24.92
C MET A 1 -9.61 -16.15 25.63
N GLU A 2 -10.35 -16.13 26.75
N GLU A 2 -10.35 -16.13 26.75
CA GLU A 2 -10.56 -17.25 27.66
CA GLU A 2 -10.50 -17.27 27.64
C GLU A 2 -11.18 -18.45 26.93
C GLU A 2 -11.18 -18.45 26.92
N ARG A 3 -11.91 -18.17 25.85
CA ARG A 3 -12.52 -19.23 25.07
C ARG A 3 -11.46 -20.10 24.43
N TYR A 4 -10.33 -19.51 24.04
CA TYR A 4 -9.25 -20.26 23.42
C TYR A 4 -8.58 -21.14 24.47
N GLU A 5 -8.35 -20.61 25.67
CA GLU A 5 -7.71 -21.36 26.74
C GLU A 5 -8.56 -22.59 27.04
N ASN A 6 -9.88 -22.38 27.13
CA ASN A 6 -10.80 -23.47 27.45
C ASN A 6 -10.82 -24.51 26.33
N LEU A 7 -10.86 -24.04 25.08
CA LEU A 7 -10.86 -24.95 23.94
C LEU A 7 -9.62 -25.83 23.95
N PHE A 8 -8.45 -25.19 24.09
CA PHE A 8 -7.18 -25.91 23.98
C PHE A 8 -7.04 -26.93 25.11
N ALA A 9 -7.52 -26.59 26.30
CA ALA A 9 -7.46 -27.51 27.43
C ALA A 9 -8.36 -28.73 27.14
N GLN A 10 -9.55 -28.47 26.59
CA GLN A 10 -10.49 -29.53 26.26
C GLN A 10 -9.95 -30.41 25.12
N LEU A 11 -9.30 -29.80 24.14
CA LEU A 11 -8.80 -30.55 22.99
C LEU A 11 -7.62 -31.43 23.43
N ASN A 12 -6.84 -30.91 24.38
CA ASN A 12 -5.72 -31.64 24.96
C ASN A 12 -6.26 -32.91 25.62
N ASP A 13 -7.45 -32.80 26.23
CA ASP A 13 -8.08 -33.89 26.94
C ASP A 13 -8.67 -34.92 25.98
N ARG A 14 -9.12 -34.45 24.80
CA ARG A 14 -9.72 -35.32 23.79
C ARG A 14 -8.65 -35.80 22.81
N ARG A 15 -7.39 -35.44 23.10
N ARG A 15 -7.38 -35.55 23.18
CA ARG A 15 -6.25 -35.79 22.27
CA ARG A 15 -6.21 -35.69 22.32
C ARG A 15 -6.51 -35.38 20.83
C ARG A 15 -6.54 -35.38 20.87
N GLU A 16 -6.91 -34.11 20.64
CA GLU A 16 -7.28 -33.62 19.32
C GLU A 16 -6.55 -32.31 19.03
N GLY A 17 -6.24 -32.11 17.76
CA GLY A 17 -5.95 -30.78 17.25
C GLY A 17 -7.23 -29.99 17.03
N ALA A 18 -7.08 -28.67 16.90
CA ALA A 18 -8.18 -27.79 16.53
C ALA A 18 -8.26 -27.70 15.02
N PHE A 19 -9.48 -27.75 14.49
CA PHE A 19 -9.68 -27.39 13.08
C PHE A 19 -10.47 -26.09 13.00
N VAL A 20 -9.87 -25.11 12.29
CA VAL A 20 -10.40 -23.74 12.30
C VAL A 20 -10.58 -23.25 10.87
N PRO A 21 -11.82 -23.21 10.35
CA PRO A 21 -12.10 -22.61 9.04
C PRO A 21 -12.10 -21.09 9.06
N PHE A 22 -11.69 -20.51 7.92
CA PHE A 22 -11.88 -19.09 7.65
C PHE A 22 -12.97 -18.93 6.60
N VAL A 23 -13.86 -17.94 6.81
CA VAL A 23 -14.72 -17.41 5.77
C VAL A 23 -14.77 -15.89 5.84
N THR A 24 -15.20 -15.28 4.73
CA THR A 24 -15.49 -13.85 4.71
C THR A 24 -16.95 -13.63 5.15
N LEU A 25 -17.13 -12.76 6.15
CA LEU A 25 -18.47 -12.42 6.63
C LEU A 25 -19.26 -11.79 5.49
N GLY A 26 -20.45 -12.36 5.25
CA GLY A 26 -21.36 -11.80 4.26
C GLY A 26 -21.09 -12.28 2.84
N ASP A 27 -20.17 -13.25 2.68
CA ASP A 27 -19.95 -13.91 1.40
C ASP A 27 -20.77 -15.21 1.37
N PRO A 28 -21.75 -15.35 0.46
CA PRO A 28 -22.04 -14.49 -0.68
C PRO A 28 -23.14 -13.47 -0.41
N GLY A 29 -23.75 -13.59 0.77
CA GLY A 29 -24.71 -12.63 1.32
C GLY A 29 -24.81 -12.86 2.82
N ILE A 30 -25.52 -11.95 3.51
CA ILE A 30 -25.58 -12.03 4.96
C ILE A 30 -26.25 -13.32 5.41
N GLU A 31 -27.44 -13.59 4.85
CA GLU A 31 -28.22 -14.73 5.29
C GLU A 31 -27.49 -16.04 5.00
N GLN A 32 -26.93 -16.17 3.79
CA GLN A 32 -26.23 -17.40 3.42
C GLN A 32 -24.97 -17.55 4.27
N SER A 33 -24.29 -16.43 4.54
CA SER A 33 -23.08 -16.46 5.34
C SER A 33 -23.37 -16.97 6.74
N LEU A 34 -24.49 -16.51 7.34
CA LEU A 34 -24.88 -17.01 8.65
C LEU A 34 -25.14 -18.52 8.59
N LYS A 35 -25.73 -19.01 7.50
CA LYS A 35 -26.00 -20.43 7.38
C LYS A 35 -24.69 -21.18 7.19
N ILE A 36 -23.78 -20.60 6.40
CA ILE A 36 -22.49 -21.21 6.14
C ILE A 36 -21.79 -21.42 7.49
N ILE A 37 -21.77 -20.35 8.30
CA ILE A 37 -21.02 -20.39 9.54
C ILE A 37 -21.63 -21.43 10.50
N ASP A 38 -22.96 -21.48 10.56
CA ASP A 38 -23.62 -22.49 11.38
C ASP A 38 -23.33 -23.91 10.90
N THR A 39 -23.22 -24.09 9.59
CA THR A 39 -22.85 -25.39 9.03
C THR A 39 -21.43 -25.79 9.41
N LEU A 40 -20.51 -24.81 9.38
CA LEU A 40 -19.15 -25.13 9.73
C LEU A 40 -19.09 -25.63 11.16
N ILE A 41 -19.86 -24.96 12.04
CA ILE A 41 -19.83 -25.29 13.46
C ILE A 41 -20.42 -26.68 13.63
N ASP A 42 -21.58 -26.88 13.00
CA ASP A 42 -22.29 -28.13 13.22
C ASP A 42 -21.43 -29.30 12.73
N ALA A 43 -20.58 -29.05 11.74
CA ALA A 43 -19.81 -30.10 11.09
C ALA A 43 -18.51 -30.38 11.81
N GLY A 44 -18.15 -29.52 12.78
CA GLY A 44 -17.05 -29.85 13.67
C GLY A 44 -15.98 -28.77 13.83
N ALA A 45 -16.21 -27.58 13.26
CA ALA A 45 -15.23 -26.51 13.46
C ALA A 45 -15.03 -26.25 14.95
N ASP A 46 -13.77 -26.12 15.37
CA ASP A 46 -13.47 -25.93 16.79
C ASP A 46 -13.46 -24.45 17.14
N ALA A 47 -13.14 -23.63 16.14
CA ALA A 47 -13.06 -22.18 16.28
C ALA A 47 -13.31 -21.57 14.90
N LEU A 48 -13.50 -20.24 14.83
CA LEU A 48 -13.73 -19.61 13.54
C LEU A 48 -12.73 -18.49 13.36
N GLU A 49 -12.33 -18.28 12.10
CA GLU A 49 -11.62 -17.08 11.70
C GLU A 49 -12.51 -16.38 10.69
N LEU A 50 -12.85 -15.10 10.93
CA LEU A 50 -13.86 -14.44 10.12
C LEU A 50 -13.33 -13.13 9.57
N GLY A 51 -13.43 -12.96 8.24
CA GLY A 51 -12.94 -11.75 7.59
C GLY A 51 -14.04 -10.69 7.45
N VAL A 52 -13.70 -9.44 7.80
CA VAL A 52 -14.56 -8.30 7.46
C VAL A 52 -14.18 -7.80 6.07
N PRO A 53 -15.13 -7.71 5.11
CA PRO A 53 -14.80 -7.28 3.75
C PRO A 53 -14.06 -5.95 3.75
N PHE A 54 -12.94 -5.93 3.03
CA PHE A 54 -12.09 -4.76 2.92
C PHE A 54 -11.72 -4.54 1.46
N SER A 55 -11.60 -3.27 1.07
CA SER A 55 -11.37 -2.88 -0.31
C SER A 55 -10.04 -3.40 -0.86
N ASP A 56 -9.03 -3.53 0.03
CA ASP A 56 -7.66 -3.73 -0.41
C ASP A 56 -6.98 -4.83 0.41
N PRO A 57 -7.45 -6.09 0.30
CA PRO A 57 -6.89 -7.18 1.12
C PRO A 57 -5.55 -7.69 0.59
N LEU A 58 -4.46 -7.01 0.94
CA LEU A 58 -3.18 -7.24 0.30
C LEU A 58 -2.40 -8.45 0.83
N ALA A 59 -2.98 -9.24 1.76
CA ALA A 59 -2.37 -10.46 2.22
C ALA A 59 -3.10 -11.68 1.68
N ASP A 60 -4.11 -11.42 0.84
CA ASP A 60 -5.00 -12.45 0.33
C ASP A 60 -4.74 -12.71 -1.16
N GLY A 61 -4.73 -14.00 -1.50
CA GLY A 61 -4.72 -14.41 -2.90
C GLY A 61 -6.11 -14.30 -3.54
N PRO A 62 -6.25 -14.70 -4.83
CA PRO A 62 -7.49 -14.45 -5.56
C PRO A 62 -8.74 -15.08 -4.97
N THR A 63 -8.60 -16.25 -4.35
CA THR A 63 -9.80 -16.89 -3.82
C THR A 63 -10.46 -15.97 -2.81
N ILE A 64 -9.67 -15.44 -1.87
CA ILE A 64 -10.26 -14.60 -0.85
C ILE A 64 -10.48 -13.17 -1.35
N GLN A 65 -9.68 -12.73 -2.33
CA GLN A 65 -9.99 -11.47 -3.01
C GLN A 65 -11.43 -11.49 -3.52
N ASN A 66 -11.81 -12.62 -4.14
CA ASN A 66 -13.13 -12.77 -4.75
C ASN A 66 -14.23 -12.89 -3.69
N ALA A 67 -13.89 -13.48 -2.53
CA ALA A 67 -14.87 -13.54 -1.45
C ALA A 67 -15.20 -12.13 -0.98
N ASN A 68 -14.18 -11.28 -0.84
CA ASN A 68 -14.43 -9.91 -0.43
C ASN A 68 -15.30 -9.20 -1.46
N LEU A 69 -15.00 -9.44 -2.75
CA LEU A 69 -15.76 -8.81 -3.83
C LEU A 69 -17.22 -9.27 -3.81
N ARG A 70 -17.44 -10.57 -3.61
CA ARG A 70 -18.82 -11.05 -3.48
C ARG A 70 -19.53 -10.33 -2.34
N ALA A 71 -18.89 -10.19 -1.18
CA ALA A 71 -19.56 -9.57 -0.05
C ALA A 71 -19.88 -8.11 -0.34
N PHE A 72 -18.96 -7.40 -1.03
CA PHE A 72 -19.25 -6.02 -1.41
C PHE A 72 -20.39 -5.95 -2.41
N ALA A 73 -20.43 -6.90 -3.35
CA ALA A 73 -21.53 -6.97 -4.33
C ALA A 73 -22.87 -7.13 -3.61
N ALA A 74 -22.86 -7.77 -2.43
CA ALA A 74 -24.02 -7.97 -1.58
C ALA A 74 -24.27 -6.76 -0.67
N GLY A 75 -23.40 -5.75 -0.75
CA GLY A 75 -23.52 -4.52 0.01
C GLY A 75 -23.06 -4.63 1.47
N VAL A 76 -22.23 -5.63 1.78
CA VAL A 76 -21.83 -5.88 3.17
C VAL A 76 -20.87 -4.79 3.67
N THR A 77 -21.18 -4.25 4.86
CA THR A 77 -20.41 -3.22 5.51
C THR A 77 -19.85 -3.74 6.84
N PRO A 78 -18.83 -3.10 7.44
CA PRO A 78 -18.38 -3.51 8.77
C PRO A 78 -19.45 -3.49 9.85
N ALA A 79 -20.33 -2.48 9.81
CA ALA A 79 -21.41 -2.42 10.77
C ALA A 79 -22.28 -3.67 10.67
N GLN A 80 -22.60 -4.08 9.43
CA GLN A 80 -23.40 -5.30 9.26
C GLN A 80 -22.64 -6.51 9.78
N CYS A 81 -21.32 -6.51 9.58
CA CYS A 81 -20.50 -7.62 10.08
C CYS A 81 -20.58 -7.72 11.60
N PHE A 82 -20.54 -6.58 12.31
CA PHE A 82 -20.61 -6.61 13.77
C PHE A 82 -21.99 -7.10 14.23
N GLU A 83 -23.04 -6.77 13.47
N GLU A 83 -23.04 -6.79 13.48
CA GLU A 83 -24.36 -7.28 13.76
CA GLU A 83 -24.36 -7.30 13.82
C GLU A 83 -24.35 -8.80 13.64
C GLU A 83 -24.38 -8.82 13.64
N MET A 84 -23.73 -9.30 12.57
CA MET A 84 -23.61 -10.73 12.34
C MET A 84 -22.86 -11.35 13.53
N LEU A 85 -21.75 -10.72 13.95
CA LEU A 85 -20.92 -11.33 14.98
C LEU A 85 -21.68 -11.48 16.30
N ALA A 86 -22.47 -10.45 16.65
CA ALA A 86 -23.31 -10.50 17.83
C ALA A 86 -24.27 -11.69 17.76
N LEU A 87 -24.90 -11.88 16.60
CA LEU A 87 -25.85 -12.99 16.45
C LEU A 87 -25.15 -14.35 16.53
N ILE A 88 -23.97 -14.48 15.89
CA ILE A 88 -23.23 -15.72 15.94
C ILE A 88 -22.90 -16.07 17.40
N ARG A 89 -22.47 -15.09 18.19
CA ARG A 89 -22.13 -15.36 19.57
C ARG A 89 -23.38 -15.71 20.38
N GLU A 90 -24.50 -15.06 20.06
CA GLU A 90 -25.75 -15.33 20.76
C GLU A 90 -26.19 -16.79 20.52
N LYS A 91 -25.74 -17.39 19.40
CA LYS A 91 -26.11 -18.76 19.04
C LYS A 91 -25.16 -19.77 19.66
N HIS A 92 -23.91 -19.37 19.89
CA HIS A 92 -22.84 -20.33 20.15
C HIS A 92 -21.96 -19.75 21.25
N PRO A 93 -22.12 -20.23 22.49
CA PRO A 93 -21.49 -19.54 23.62
C PRO A 93 -19.99 -19.78 23.81
N THR A 94 -19.47 -20.92 23.32
CA THR A 94 -18.13 -21.28 23.75
C THR A 94 -17.12 -21.27 22.60
N ILE A 95 -17.61 -21.32 21.36
CA ILE A 95 -16.69 -21.42 20.23
C ILE A 95 -15.84 -20.15 20.13
N PRO A 96 -14.50 -20.26 20.04
CA PRO A 96 -13.69 -19.05 19.86
C PRO A 96 -13.94 -18.41 18.51
N ILE A 97 -14.09 -17.08 18.49
CA ILE A 97 -14.34 -16.34 17.26
C ILE A 97 -13.21 -15.36 17.08
N GLY A 98 -12.44 -15.54 16.01
CA GLY A 98 -11.34 -14.63 15.72
C GLY A 98 -11.65 -13.83 14.46
N LEU A 99 -11.30 -12.54 14.44
CA LEU A 99 -11.49 -11.78 13.21
C LEU A 99 -10.17 -11.63 12.48
N LEU A 100 -10.26 -11.58 11.13
CA LEU A 100 -9.13 -11.23 10.28
C LEU A 100 -9.44 -9.84 9.73
N MET A 101 -8.63 -8.88 10.17
CA MET A 101 -8.85 -7.48 9.85
C MET A 101 -7.69 -6.92 9.05
N TYR A 102 -7.96 -5.82 8.36
CA TYR A 102 -6.91 -4.95 7.87
C TYR A 102 -6.90 -3.67 8.71
N ALA A 103 -5.70 -3.08 8.83
CA ALA A 103 -5.48 -2.01 9.80
C ALA A 103 -6.45 -0.86 9.64
N ASN A 104 -6.80 -0.49 8.40
CA ASN A 104 -7.57 0.74 8.26
C ASN A 104 -8.95 0.58 8.89
N LEU A 105 -9.51 -0.64 8.87
CA LEU A 105 -10.83 -0.86 9.44
C LEU A 105 -10.81 -0.79 10.96
N VAL A 106 -9.64 -1.10 11.54
CA VAL A 106 -9.47 -1.05 12.97
C VAL A 106 -9.22 0.39 13.43
N PHE A 107 -8.42 1.13 12.64
CA PHE A 107 -8.00 2.48 12.98
C PHE A 107 -9.10 3.49 12.68
N ASN A 108 -10.01 3.16 11.74
CA ASN A 108 -10.93 4.10 11.10
C ASN A 108 -11.68 4.96 12.11
N ASN A 109 -12.36 4.31 13.05
CA ASN A 109 -13.19 5.05 13.97
C ASN A 109 -12.56 4.99 15.37
N GLY A 110 -11.23 4.78 15.42
CA GLY A 110 -10.48 4.69 16.66
C GLY A 110 -10.18 3.25 17.07
N ILE A 111 -8.90 2.98 17.37
CA ILE A 111 -8.49 1.61 17.70
C ILE A 111 -9.21 1.12 18.95
N ASP A 112 -9.23 1.95 19.99
CA ASP A 112 -9.86 1.49 21.21
C ASP A 112 -11.33 1.14 20.98
N ALA A 113 -12.04 2.00 20.24
CA ALA A 113 -13.46 1.81 20.00
C ALA A 113 -13.69 0.54 19.21
N PHE A 114 -12.74 0.18 18.33
CA PHE A 114 -12.86 -1.03 17.54
C PHE A 114 -12.85 -2.25 18.47
N TYR A 115 -11.86 -2.27 19.37
CA TYR A 115 -11.74 -3.42 20.25
C TYR A 115 -12.88 -3.43 21.27
N ALA A 116 -13.40 -2.25 21.63
CA ALA A 116 -14.54 -2.24 22.54
C ALA A 116 -15.77 -2.86 21.88
N ARG A 117 -15.95 -2.62 20.58
CA ARG A 117 -17.06 -3.22 19.85
C ARG A 117 -16.88 -4.73 19.75
N CYS A 118 -15.64 -5.17 19.52
CA CYS A 118 -15.37 -6.59 19.47
C CYS A 118 -15.77 -7.23 20.80
N GLU A 119 -15.42 -6.58 21.92
CA GLU A 119 -15.73 -7.15 23.21
C GLU A 119 -17.24 -7.20 23.41
N GLN A 120 -17.92 -6.11 22.98
CA GLN A 120 -19.37 -6.03 23.12
C GLN A 120 -20.10 -7.17 22.40
N VAL A 121 -19.61 -7.57 21.21
CA VAL A 121 -20.28 -8.60 20.42
C VAL A 121 -19.80 -10.00 20.77
N GLY A 122 -18.70 -10.11 21.53
CA GLY A 122 -18.25 -11.41 22.01
C GLY A 122 -17.17 -12.04 21.12
N VAL A 123 -16.41 -11.24 20.38
CA VAL A 123 -15.24 -11.71 19.63
C VAL A 123 -14.15 -12.11 20.62
N ASP A 124 -13.31 -13.09 20.25
CA ASP A 124 -12.27 -13.54 21.17
C ASP A 124 -10.87 -13.10 20.76
N SER A 125 -10.63 -12.91 19.45
CA SER A 125 -9.30 -12.55 18.98
C SER A 125 -9.39 -11.67 17.73
N VAL A 126 -8.32 -10.91 17.49
CA VAL A 126 -8.20 -10.11 16.28
C VAL A 126 -6.79 -10.28 15.74
N LEU A 127 -6.71 -10.61 14.44
CA LEU A 127 -5.47 -10.67 13.69
C LEU A 127 -5.53 -9.52 12.70
N VAL A 128 -4.59 -8.57 12.81
CA VAL A 128 -4.57 -7.49 11.83
C VAL A 128 -3.46 -7.80 10.82
N ALA A 129 -3.87 -8.08 9.59
CA ALA A 129 -2.95 -8.75 8.64
C ALA A 129 -1.77 -7.87 8.23
N ASP A 130 -1.95 -6.54 8.23
CA ASP A 130 -0.92 -5.62 7.77
C ASP A 130 -0.32 -4.82 8.94
N VAL A 131 -0.41 -5.39 10.14
CA VAL A 131 0.30 -4.80 11.27
C VAL A 131 1.33 -5.81 11.78
N PRO A 132 2.63 -5.58 11.52
CA PRO A 132 3.66 -6.51 12.02
C PRO A 132 3.88 -6.24 13.51
N VAL A 133 4.59 -7.14 14.21
N VAL A 133 4.59 -7.15 14.19
CA VAL A 133 4.76 -6.98 15.64
CA VAL A 133 4.79 -7.00 15.63
C VAL A 133 5.39 -5.62 15.95
C VAL A 133 5.35 -5.61 15.92
N GLU A 134 6.23 -5.15 15.03
CA GLU A 134 6.94 -3.89 15.20
C GLU A 134 5.99 -2.71 15.38
N GLU A 135 4.78 -2.81 14.80
CA GLU A 135 3.82 -1.72 14.78
C GLU A 135 2.64 -2.03 15.71
N SER A 136 2.76 -3.12 16.48
CA SER A 136 1.56 -3.72 17.05
C SER A 136 1.10 -3.03 18.34
N ALA A 137 1.96 -2.22 18.97
CA ALA A 137 1.68 -1.80 20.34
C ALA A 137 0.26 -1.25 20.57
N PRO A 138 -0.23 -0.23 19.85
CA PRO A 138 -1.56 0.29 20.16
C PRO A 138 -2.68 -0.70 19.92
N PHE A 139 -2.43 -1.65 19.00
CA PHE A 139 -3.41 -2.68 18.71
C PHE A 139 -3.47 -3.72 19.82
N ARG A 140 -2.32 -4.21 20.26
N ARG A 140 -2.31 -4.22 20.26
CA ARG A 140 -2.33 -5.28 21.26
CA ARG A 140 -2.30 -5.27 21.27
C ARG A 140 -2.79 -4.73 22.61
C ARG A 140 -2.78 -4.72 22.62
N GLN A 141 -2.44 -3.47 22.92
CA GLN A 141 -2.90 -2.81 24.14
C GLN A 141 -4.41 -2.68 24.18
N ALA A 142 -4.99 -2.12 23.10
CA ALA A 142 -6.44 -2.04 23.01
C ALA A 142 -7.10 -3.41 23.10
N ALA A 143 -6.52 -4.40 22.41
CA ALA A 143 -7.07 -5.76 22.47
C ALA A 143 -7.16 -6.23 23.92
N LEU A 144 -6.03 -6.14 24.63
CA LEU A 144 -5.98 -6.70 25.97
C LEU A 144 -6.91 -5.93 26.91
N ARG A 145 -7.05 -4.62 26.69
CA ARG A 145 -7.96 -3.85 27.54
C ARG A 145 -9.40 -4.34 27.44
N HIS A 146 -9.72 -4.95 26.28
CA HIS A 146 -11.09 -5.32 25.97
C HIS A 146 -11.23 -6.85 25.95
N ASN A 147 -10.28 -7.53 26.60
CA ASN A 147 -10.28 -8.98 26.75
C ASN A 147 -10.27 -9.69 25.41
N ILE A 148 -9.60 -9.08 24.42
CA ILE A 148 -9.46 -9.70 23.10
C ILE A 148 -8.02 -10.16 22.98
N ALA A 149 -7.84 -11.38 22.45
CA ALA A 149 -6.50 -11.90 22.22
C ALA A 149 -5.92 -11.25 20.96
N PRO A 150 -4.73 -10.61 21.05
CA PRO A 150 -4.04 -10.18 19.83
C PRO A 150 -3.30 -11.37 19.19
N ILE A 151 -3.59 -11.63 17.92
CA ILE A 151 -2.99 -12.77 17.23
C ILE A 151 -1.80 -12.28 16.39
N PHE A 152 -0.65 -12.89 16.67
CA PHE A 152 0.58 -12.57 15.97
C PHE A 152 0.96 -13.69 15.01
N ILE A 153 1.57 -13.27 13.92
CA ILE A 153 2.08 -14.13 12.86
C ILE A 153 3.52 -14.54 13.19
N CYS A 154 3.77 -15.86 13.21
CA CYS A 154 5.13 -16.36 13.27
C CYS A 154 5.45 -16.87 11.88
N PRO A 155 6.24 -16.11 11.10
CA PRO A 155 6.49 -16.44 9.70
C PRO A 155 7.57 -17.52 9.68
N PRO A 156 7.76 -18.24 8.57
CA PRO A 156 8.80 -19.25 8.56
C PRO A 156 10.18 -18.59 8.56
N ASN A 157 10.25 -17.29 8.21
CA ASN A 157 11.48 -16.50 8.18
C ASN A 157 11.77 -15.88 9.55
N ALA A 158 11.22 -16.46 10.63
CA ALA A 158 11.31 -15.88 11.97
C ALA A 158 12.69 -16.13 12.59
N ASP A 159 13.21 -15.10 13.25
CA ASP A 159 14.41 -15.21 14.05
C ASP A 159 14.01 -15.28 15.53
N ASP A 160 15.04 -15.32 16.39
CA ASP A 160 14.82 -15.62 17.80
C ASP A 160 14.11 -14.46 18.51
N ASP A 161 14.47 -13.22 18.17
CA ASP A 161 13.82 -12.04 18.72
C ASP A 161 12.34 -12.09 18.39
N LEU A 162 12.02 -12.43 17.14
CA LEU A 162 10.63 -12.44 16.71
C LEU A 162 9.87 -13.51 17.50
N LEU A 163 10.49 -14.68 17.69
CA LEU A 163 9.81 -15.76 18.39
C LEU A 163 9.52 -15.33 19.83
N ARG A 164 10.49 -14.66 20.45
CA ARG A 164 10.33 -14.20 21.83
C ARG A 164 9.26 -13.13 21.94
N GLN A 165 9.21 -12.20 20.97
CA GLN A 165 8.20 -11.14 20.96
C GLN A 165 6.79 -11.73 20.78
N VAL A 166 6.64 -12.59 19.78
CA VAL A 166 5.33 -13.19 19.51
C VAL A 166 4.91 -14.03 20.73
N ALA A 167 5.84 -14.75 21.36
CA ALA A 167 5.52 -15.53 22.53
C ALA A 167 5.05 -14.65 23.68
N SER A 168 5.66 -13.47 23.84
CA SER A 168 5.37 -12.59 24.96
C SER A 168 4.05 -11.85 24.76
N TYR A 169 3.87 -11.29 23.57
CA TYR A 169 2.78 -10.35 23.32
C TYR A 169 1.48 -11.06 22.96
N GLY A 170 1.58 -12.25 22.37
CA GLY A 170 0.37 -12.88 21.83
C GLY A 170 -0.48 -13.55 22.91
N ARG A 171 -1.77 -13.76 22.59
CA ARG A 171 -2.62 -14.55 23.46
C ARG A 171 -3.54 -15.33 22.54
N GLY A 172 -4.24 -16.31 23.09
CA GLY A 172 -5.24 -17.02 22.29
C GLY A 172 -4.56 -18.15 21.52
N TYR A 173 -3.99 -17.81 20.36
CA TYR A 173 -3.14 -18.74 19.64
C TYR A 173 -2.02 -17.99 18.94
N THR A 174 -0.97 -18.71 18.55
CA THR A 174 0.07 -18.09 17.71
C THR A 174 -0.19 -18.58 16.29
N TYR A 175 -0.26 -17.65 15.34
CA TYR A 175 -0.49 -18.02 13.95
C TYR A 175 0.83 -18.48 13.32
N LEU A 176 0.93 -19.77 12.99
CA LEU A 176 2.16 -20.28 12.41
C LEU A 176 1.98 -20.29 10.89
N LEU A 177 2.62 -19.34 10.20
CA LEU A 177 2.50 -19.17 8.76
C LEU A 177 3.23 -20.32 8.08
N SER A 178 2.54 -21.01 7.17
N SER A 178 2.52 -21.02 7.18
CA SER A 178 3.07 -22.19 6.52
CA SER A 178 3.08 -22.19 6.51
C SER A 178 4.17 -21.84 5.52
C SER A 178 4.24 -21.80 5.60
N ARG A 179 4.19 -20.60 5.03
CA ARG A 179 5.07 -20.20 3.95
C ARG A 179 4.97 -18.69 3.69
N SER A 180 5.89 -18.17 2.87
CA SER A 180 5.77 -16.82 2.37
C SER A 180 4.61 -16.76 1.36
N GLY A 181 4.37 -15.57 0.80
CA GLY A 181 3.26 -15.36 -0.13
C GLY A 181 1.96 -14.96 0.59
N VAL A 182 0.82 -15.18 -0.11
CA VAL A 182 -0.49 -14.71 0.33
C VAL A 182 -1.41 -15.92 0.48
N THR A 183 -2.61 -15.73 1.02
CA THR A 183 -3.51 -16.86 1.23
C THR A 183 -3.76 -17.59 -0.10
N GLY A 184 -3.97 -18.92 -0.05
CA GLY A 184 -4.38 -19.63 -1.25
C GLY A 184 -4.15 -21.13 -1.15
N ALA A 185 -5.15 -21.90 -1.59
CA ALA A 185 -5.15 -23.35 -1.50
C ALA A 185 -4.25 -23.94 -2.57
N GLU A 186 -3.94 -23.14 -3.61
CA GLU A 186 -3.17 -23.58 -4.76
C GLU A 186 -1.67 -23.65 -4.45
N ASN A 187 -1.25 -23.08 -3.30
CA ASN A 187 0.14 -23.09 -2.89
C ASN A 187 0.28 -23.76 -1.53
N ARG A 188 0.94 -24.92 -1.51
CA ARG A 188 1.14 -25.69 -0.29
C ARG A 188 2.51 -25.36 0.32
N GLY A 189 2.54 -25.29 1.65
CA GLY A 189 3.76 -24.95 2.39
C GLY A 189 4.79 -26.07 2.35
N ALA A 190 5.97 -25.76 1.81
CA ALA A 190 7.03 -26.74 1.63
C ALA A 190 8.18 -26.47 2.61
N LEU A 191 7.83 -26.30 3.90
CA LEU A 191 8.82 -26.06 4.94
C LEU A 191 8.44 -26.78 6.22
N PRO A 192 9.36 -27.59 6.80
CA PRO A 192 9.17 -28.16 8.14
C PRO A 192 9.18 -27.07 9.20
N LEU A 193 8.16 -27.07 10.07
CA LEU A 193 7.95 -25.99 11.02
C LEU A 193 8.15 -26.47 12.46
N HIS A 194 8.66 -27.70 12.65
CA HIS A 194 8.75 -28.31 13.96
C HIS A 194 9.61 -27.48 14.91
N HIS A 195 10.70 -26.92 14.39
CA HIS A 195 11.66 -26.18 15.21
C HIS A 195 11.00 -24.92 15.76
N LEU A 196 10.26 -24.20 14.89
CA LEU A 196 9.52 -23.04 15.34
C LEU A 196 8.51 -23.45 16.41
N ILE A 197 7.82 -24.57 16.20
CA ILE A 197 6.80 -25.03 17.12
C ILE A 197 7.42 -25.30 18.49
N GLU A 198 8.64 -25.87 18.50
CA GLU A 198 9.31 -26.23 19.72
C GLU A 198 9.76 -24.99 20.48
N LYS A 199 10.36 -24.03 19.76
CA LYS A 199 10.82 -22.77 20.32
C LYS A 199 9.64 -21.98 20.90
N LEU A 200 8.50 -21.99 20.20
CA LEU A 200 7.34 -21.25 20.71
C LEU A 200 6.88 -21.86 22.03
N LYS A 201 6.89 -23.18 22.12
CA LYS A 201 6.55 -23.85 23.36
C LYS A 201 7.54 -23.51 24.47
N GLU A 202 8.83 -23.46 24.10
CA GLU A 202 9.88 -23.13 25.05
C GLU A 202 9.61 -21.77 25.68
N TYR A 203 9.10 -20.85 24.87
CA TYR A 203 8.93 -19.46 25.30
C TYR A 203 7.51 -19.20 25.78
N HIS A 204 6.73 -20.28 26.01
CA HIS A 204 5.40 -20.23 26.59
C HIS A 204 4.43 -19.42 25.73
N ALA A 205 4.59 -19.54 24.40
CA ALA A 205 3.70 -18.83 23.49
C ALA A 205 2.30 -19.42 23.60
N ALA A 206 1.30 -18.65 23.12
CA ALA A 206 -0.03 -19.18 22.91
C ALA A 206 0.10 -20.37 21.95
N PRO A 207 -0.74 -21.43 22.10
CA PRO A 207 -0.64 -22.61 21.24
C PRO A 207 -0.67 -22.26 19.75
N ALA A 208 0.09 -23.00 18.94
CA ALA A 208 0.23 -22.62 17.53
C ALA A 208 -0.85 -23.26 16.67
N LEU A 209 -1.45 -22.45 15.79
CA LEU A 209 -2.28 -22.98 14.70
C LEU A 209 -1.57 -22.70 13.39
N GLN A 210 -1.34 -23.75 12.58
CA GLN A 210 -0.71 -23.57 11.28
C GLN A 210 -1.74 -23.06 10.27
N GLY A 211 -1.35 -22.04 9.49
CA GLY A 211 -2.25 -21.57 8.45
C GLY A 211 -1.51 -21.06 7.22
N PHE A 212 -2.24 -21.06 6.10
CA PHE A 212 -1.82 -20.78 4.73
C PHE A 212 -1.64 -22.11 3.99
N GLY A 213 -2.46 -22.27 2.94
CA GLY A 213 -2.36 -23.39 2.02
C GLY A 213 -2.85 -24.74 2.55
N ILE A 214 -3.52 -24.77 3.72
CA ILE A 214 -4.06 -26.00 4.29
C ILE A 214 -5.37 -26.34 3.58
N SER A 215 -5.39 -27.44 2.81
CA SER A 215 -6.57 -27.72 1.99
C SER A 215 -6.96 -29.19 2.04
N SER A 216 -6.22 -30.00 2.80
CA SER A 216 -6.43 -31.45 2.79
C SER A 216 -6.28 -32.04 4.18
N PRO A 217 -6.95 -33.19 4.46
CA PRO A 217 -6.84 -33.82 5.76
C PRO A 217 -5.42 -34.15 6.20
N GLU A 218 -4.58 -34.59 5.24
CA GLU A 218 -3.23 -35.01 5.60
C GLU A 218 -2.46 -33.81 6.15
N GLN A 219 -2.87 -32.61 5.75
CA GLN A 219 -2.16 -31.43 6.23
C GLN A 219 -2.55 -31.12 7.68
N VAL A 220 -3.81 -31.40 8.04
CA VAL A 220 -4.30 -31.21 9.39
C VAL A 220 -3.55 -32.17 10.31
N SER A 221 -3.51 -33.45 9.90
N SER A 221 -3.47 -33.45 9.90
CA SER A 221 -2.80 -34.46 10.68
CA SER A 221 -2.79 -34.46 10.69
C SER A 221 -1.32 -34.11 10.79
C SER A 221 -1.30 -34.13 10.80
N ALA A 222 -0.71 -33.63 9.70
CA ALA A 222 0.71 -33.26 9.70
C ALA A 222 0.98 -32.13 10.71
N ALA A 223 0.04 -31.18 10.79
CA ALA A 223 0.21 -30.05 11.70
C ALA A 223 0.25 -30.54 13.13
N VAL A 224 -0.69 -31.45 13.45
CA VAL A 224 -0.82 -31.99 14.80
C VAL A 224 0.41 -32.82 15.12
N ARG A 225 0.87 -33.62 14.14
CA ARG A 225 2.00 -34.51 14.39
C ARG A 225 3.28 -33.70 14.65
N ALA A 226 3.38 -32.51 14.04
CA ALA A 226 4.56 -31.65 14.21
C ALA A 226 4.57 -30.92 15.55
N GLY A 227 3.44 -30.96 16.27
CA GLY A 227 3.35 -30.36 17.59
C GLY A 227 2.45 -29.14 17.62
N ALA A 228 1.83 -28.77 16.48
CA ALA A 228 0.92 -27.63 16.48
C ALA A 228 -0.36 -28.03 17.22
N ALA A 229 -1.07 -27.03 17.75
CA ALA A 229 -2.32 -27.26 18.44
C ALA A 229 -3.46 -27.43 17.43
N GLY A 230 -3.16 -27.18 16.16
CA GLY A 230 -4.22 -27.27 15.18
C GLY A 230 -3.87 -26.56 13.88
N ALA A 231 -4.90 -26.37 13.04
CA ALA A 231 -4.70 -25.91 11.68
C ALA A 231 -5.89 -25.06 11.24
N ILE A 232 -5.60 -24.02 10.46
CA ILE A 232 -6.57 -23.10 9.88
C ILE A 232 -6.64 -23.32 8.37
N SER A 233 -7.87 -23.32 7.82
CA SER A 233 -8.13 -23.49 6.40
C SER A 233 -9.11 -22.43 5.91
N GLY A 234 -8.71 -21.69 4.87
CA GLY A 234 -9.52 -20.56 4.40
C GLY A 234 -9.91 -20.73 2.94
N SER A 235 -8.91 -20.61 2.05
CA SER A 235 -9.18 -20.67 0.62
C SER A 235 -9.92 -21.96 0.22
N ALA A 236 -9.56 -23.11 0.82
CA ALA A 236 -10.25 -24.35 0.51
C ALA A 236 -11.74 -24.26 0.84
N ILE A 237 -12.09 -23.59 1.94
CA ILE A 237 -13.46 -23.45 2.39
C ILE A 237 -14.16 -22.48 1.44
N VAL A 238 -13.47 -21.39 1.12
CA VAL A 238 -14.07 -20.35 0.30
C VAL A 238 -14.25 -20.88 -1.14
N LYS A 239 -13.35 -21.74 -1.60
CA LYS A 239 -13.52 -22.29 -2.94
C LYS A 239 -14.82 -23.10 -3.04
N ILE A 240 -15.22 -23.75 -1.94
CA ILE A 240 -16.47 -24.50 -1.94
C ILE A 240 -17.64 -23.52 -2.08
N ILE A 241 -17.55 -22.37 -1.43
CA ILE A 241 -18.56 -21.33 -1.61
C ILE A 241 -18.58 -20.92 -3.09
N GLU A 242 -17.41 -20.58 -3.63
CA GLU A 242 -17.30 -20.07 -4.98
C GLU A 242 -17.82 -21.11 -5.98
N LYS A 243 -17.48 -22.38 -5.75
CA LYS A 243 -17.87 -23.47 -6.64
C LYS A 243 -19.39 -23.63 -6.69
N ASN A 244 -20.07 -23.25 -5.60
CA ASN A 244 -21.45 -23.66 -5.39
C ASN A 244 -22.39 -22.47 -5.28
N LEU A 245 -21.99 -21.31 -5.83
CA LEU A 245 -22.81 -20.12 -5.68
C LEU A 245 -24.24 -20.36 -6.16
N ALA A 246 -24.37 -21.15 -7.22
CA ALA A 246 -25.64 -21.36 -7.91
C ALA A 246 -26.53 -22.32 -7.12
N SER A 247 -25.96 -22.98 -6.09
CA SER A 247 -26.69 -24.02 -5.38
C SER A 247 -26.44 -23.93 -3.88
N PRO A 248 -27.17 -23.05 -3.16
CA PRO A 248 -27.00 -22.88 -1.71
C PRO A 248 -27.06 -24.17 -0.89
N LYS A 249 -28.00 -25.06 -1.25
CA LYS A 249 -28.17 -26.28 -0.47
C LYS A 249 -26.95 -27.19 -0.64
N GLN A 250 -26.52 -27.38 -1.89
CA GLN A 250 -25.33 -28.16 -2.20
C GLN A 250 -24.09 -27.53 -1.57
N MET A 251 -24.05 -26.21 -1.54
CA MET A 251 -22.93 -25.50 -0.92
C MET A 251 -22.76 -25.97 0.52
N LEU A 252 -23.86 -25.99 1.28
CA LEU A 252 -23.81 -26.36 2.68
C LEU A 252 -23.42 -27.83 2.83
N ALA A 253 -23.94 -28.69 1.94
CA ALA A 253 -23.64 -30.11 2.03
C ALA A 253 -22.15 -30.35 1.83
N GLU A 254 -21.54 -29.62 0.88
CA GLU A 254 -20.14 -29.83 0.54
C GLU A 254 -19.27 -29.26 1.66
N LEU A 255 -19.70 -28.10 2.21
CA LEU A 255 -19.01 -27.49 3.35
C LEU A 255 -19.03 -28.47 4.53
N ARG A 256 -20.19 -29.08 4.76
CA ARG A 256 -20.29 -30.02 5.88
C ARG A 256 -19.34 -31.19 5.68
N SER A 257 -19.33 -31.74 4.46
N SER A 257 -19.31 -31.74 4.46
CA SER A 257 -18.51 -32.88 4.10
CA SER A 257 -18.48 -32.91 4.17
C SER A 257 -17.03 -32.57 4.32
C SER A 257 -17.00 -32.58 4.31
N PHE A 258 -16.61 -31.41 3.80
CA PHE A 258 -15.23 -30.97 3.88
C PHE A 258 -14.81 -30.75 5.33
N VAL A 259 -15.63 -30.00 6.09
CA VAL A 259 -15.25 -29.66 7.46
C VAL A 259 -15.23 -30.94 8.30
N SER A 260 -16.19 -31.84 8.07
CA SER A 260 -16.21 -33.09 8.80
C SER A 260 -14.91 -33.87 8.59
N ALA A 261 -14.46 -33.94 7.33
CA ALA A 261 -13.25 -34.70 7.00
C ALA A 261 -12.03 -34.07 7.65
N MET A 262 -11.97 -32.73 7.59
CA MET A 262 -10.83 -31.97 8.07
C MET A 262 -10.80 -32.07 9.59
N LYS A 263 -11.97 -31.99 10.24
CA LYS A 263 -12.00 -32.14 11.68
C LYS A 263 -11.59 -33.57 12.07
N ALA A 264 -12.04 -34.57 11.30
CA ALA A 264 -11.71 -35.93 11.69
C ALA A 264 -10.19 -36.17 11.66
N ALA A 265 -9.49 -35.44 10.78
CA ALA A 265 -8.04 -35.60 10.61
C ALA A 265 -7.27 -34.99 11.79
N SER A 266 -7.96 -34.27 12.68
CA SER A 266 -7.33 -33.62 13.81
C SER A 266 -7.18 -34.56 14.99
N ARG A 267 -7.76 -35.76 14.87
CA ARG A 267 -7.65 -36.78 15.92
C ARG A 267 -6.24 -37.37 15.88
N ALA A 268 -5.59 -37.40 17.06
CA ALA A 268 -4.17 -37.67 17.13
C ALA A 268 -3.90 -39.16 16.90
N THR B 1 12.84 -3.41 14.73
CA THR B 1 14.20 -2.78 14.78
C THR B 1 14.58 -2.25 13.41
N THR B 2 14.90 -0.95 13.33
CA THR B 2 15.38 -0.38 12.08
C THR B 2 16.58 0.53 12.36
N LEU B 3 17.29 0.88 11.29
CA LEU B 3 18.45 1.77 11.36
C LEU B 3 18.00 3.22 11.41
N LEU B 4 16.91 3.50 10.70
CA LEU B 4 16.39 4.86 10.56
C LEU B 4 14.99 4.92 11.15
N ASN B 5 14.56 6.14 11.51
CA ASN B 5 13.22 6.35 12.03
C ASN B 5 12.22 6.09 10.89
N PRO B 6 11.27 5.14 11.04
CA PRO B 6 10.31 4.87 9.97
C PRO B 6 9.18 5.91 9.90
N TYR B 7 9.14 6.80 10.90
CA TYR B 7 8.10 7.82 10.96
C TYR B 7 8.61 9.22 10.73
N PHE B 8 7.73 10.04 10.15
CA PHE B 8 7.85 11.49 10.11
C PHE B 8 6.77 12.03 11.05
N GLY B 9 7.15 12.38 12.30
CA GLY B 9 6.10 12.64 13.28
C GLY B 9 5.22 11.40 13.48
N GLU B 10 3.91 11.56 13.35
N GLU B 10 3.91 11.59 13.34
CA GLU B 10 3.02 10.42 13.56
CA GLU B 10 2.91 10.55 13.53
C GLU B 10 2.61 9.81 12.21
C GLU B 10 2.75 9.71 12.25
N PHE B 11 3.34 10.18 11.15
CA PHE B 11 3.01 9.65 9.81
C PHE B 11 4.07 8.67 9.31
N GLY B 12 3.62 7.65 8.59
CA GLY B 12 4.57 6.71 7.97
C GLY B 12 4.49 5.32 8.58
N GLY B 13 5.65 4.76 8.96
CA GLY B 13 5.64 3.42 9.55
C GLY B 13 5.86 2.32 8.53
N MET B 14 5.62 1.06 8.98
CA MET B 14 5.87 -0.14 8.20
C MET B 14 4.69 -1.12 8.38
N TYR B 15 3.54 -0.71 7.83
CA TYR B 15 2.33 -1.49 7.99
C TYR B 15 2.18 -2.49 6.86
N VAL B 16 3.03 -3.53 6.93
CA VAL B 16 3.02 -4.62 5.98
C VAL B 16 2.83 -5.91 6.76
N PRO B 17 2.36 -6.98 6.10
CA PRO B 17 2.37 -8.30 6.72
C PRO B 17 3.78 -8.62 7.22
N GLN B 18 3.82 -9.36 8.33
CA GLN B 18 5.06 -9.74 9.01
C GLN B 18 6.03 -10.36 8.01
N ILE B 19 5.50 -11.15 7.06
CA ILE B 19 6.38 -11.86 6.12
C ILE B 19 7.31 -10.89 5.37
N LEU B 20 6.86 -9.65 5.14
CA LEU B 20 7.61 -8.67 4.36
C LEU B 20 8.62 -7.86 5.19
N MET B 21 8.60 -8.01 6.52
CA MET B 21 9.46 -7.17 7.33
C MET B 21 10.94 -7.42 7.00
N PRO B 22 11.42 -8.68 6.88
CA PRO B 22 12.82 -8.86 6.50
C PRO B 22 13.22 -8.18 5.19
N ALA B 23 12.30 -8.16 4.21
CA ALA B 23 12.59 -7.49 2.94
C ALA B 23 12.76 -5.98 3.14
N LEU B 24 11.89 -5.37 3.97
CA LEU B 24 12.06 -3.95 4.21
C LEU B 24 13.36 -3.70 4.96
N ASN B 25 13.69 -4.58 5.91
CA ASN B 25 14.88 -4.35 6.72
C ASN B 25 16.11 -4.47 5.81
N GLN B 26 16.06 -5.45 4.92
CA GLN B 26 17.15 -5.70 3.99
C GLN B 26 17.34 -4.47 3.10
N LEU B 27 16.22 -3.97 2.56
CA LEU B 27 16.28 -2.80 1.70
C LEU B 27 16.85 -1.60 2.44
N GLU B 28 16.37 -1.35 3.68
CA GLU B 28 16.88 -0.26 4.48
C GLU B 28 18.39 -0.36 4.65
N GLU B 29 18.87 -1.58 4.96
CA GLU B 29 20.30 -1.76 5.23
C GLU B 29 21.10 -1.45 3.97
N ALA B 30 20.59 -1.95 2.84
CA ALA B 30 21.27 -1.83 1.56
C ALA B 30 21.37 -0.35 1.18
N PHE B 31 20.27 0.38 1.41
CA PHE B 31 20.25 1.82 1.17
C PHE B 31 21.25 2.56 2.06
N VAL B 32 21.24 2.31 3.37
CA VAL B 32 22.09 3.04 4.30
C VAL B 32 23.55 2.79 3.89
N SER B 33 23.82 1.55 3.49
CA SER B 33 25.15 1.14 3.03
C SER B 33 25.52 1.87 1.75
N ALA B 34 24.59 1.85 0.78
CA ALA B 34 24.81 2.46 -0.52
C ALA B 34 25.12 3.96 -0.39
N GLN B 35 24.48 4.63 0.56
CA GLN B 35 24.62 6.07 0.67
C GLN B 35 25.99 6.43 1.19
N LYS B 36 26.70 5.45 1.77
CA LYS B 36 28.05 5.67 2.27
C LYS B 36 29.10 5.15 1.29
N ASP B 37 28.64 4.56 0.19
CA ASP B 37 29.52 3.87 -0.73
C ASP B 37 29.88 4.76 -1.92
N PRO B 38 31.13 5.27 -2.04
CA PRO B 38 31.49 6.11 -3.18
C PRO B 38 31.32 5.43 -4.54
N GLU B 39 31.45 4.11 -4.58
N GLU B 39 31.44 4.10 -4.59
CA GLU B 39 31.34 3.38 -5.83
CA GLU B 39 31.34 3.40 -5.86
C GLU B 39 29.88 3.42 -6.29
C GLU B 39 29.89 3.31 -6.32
N PHE B 40 28.97 3.17 -5.36
CA PHE B 40 27.54 3.22 -5.65
C PHE B 40 27.20 4.62 -6.16
N GLN B 41 27.67 5.63 -5.43
CA GLN B 41 27.34 7.00 -5.77
C GLN B 41 27.88 7.33 -7.16
N ALA B 42 29.10 6.86 -7.48
CA ALA B 42 29.69 7.15 -8.78
C ALA B 42 28.88 6.48 -9.89
N GLN B 43 28.42 5.25 -9.66
CA GLN B 43 27.66 4.55 -10.70
C GLN B 43 26.33 5.26 -10.91
N PHE B 44 25.71 5.69 -9.82
CA PHE B 44 24.43 6.40 -9.89
C PHE B 44 24.64 7.70 -10.67
N ALA B 45 25.71 8.44 -10.33
CA ALA B 45 25.95 9.73 -10.99
C ALA B 45 26.17 9.52 -12.49
N ASP B 46 26.87 8.46 -12.86
CA ASP B 46 27.18 8.15 -14.25
C ASP B 46 25.86 7.92 -15.00
N LEU B 47 24.98 7.12 -14.41
CA LEU B 47 23.70 6.84 -15.08
C LEU B 47 22.91 8.14 -15.20
N LEU B 48 22.86 8.94 -14.12
CA LEU B 48 22.05 10.15 -14.19
C LEU B 48 22.57 11.10 -15.26
N LYS B 49 23.91 11.20 -15.37
CA LYS B 49 24.48 12.16 -16.30
C LYS B 49 24.40 11.64 -17.73
N ASN B 50 24.98 10.45 -17.93
CA ASN B 50 25.31 10.02 -19.29
C ASN B 50 24.17 9.25 -19.95
N TYR B 51 23.22 8.75 -19.15
CA TYR B 51 22.09 8.00 -19.67
C TYR B 51 20.82 8.83 -19.56
N ALA B 52 20.60 9.48 -18.40
CA ALA B 52 19.34 10.20 -18.22
C ALA B 52 19.43 11.66 -18.68
N GLY B 53 20.64 12.23 -18.71
CA GLY B 53 20.80 13.60 -19.22
C GLY B 53 20.88 14.70 -18.14
N ARG B 54 21.11 14.34 -16.88
CA ARG B 54 21.24 15.35 -15.81
C ARG B 54 22.56 16.10 -15.99
N PRO B 55 22.63 17.36 -15.55
CA PRO B 55 21.55 18.11 -14.93
C PRO B 55 20.56 18.59 -15.97
N THR B 56 19.33 18.80 -15.49
CA THR B 56 18.28 19.34 -16.35
C THR B 56 18.32 20.86 -16.31
N ALA B 57 17.84 21.50 -17.40
CA ALA B 57 17.80 22.96 -17.44
C ALA B 57 16.91 23.56 -16.36
N LEU B 58 17.18 24.83 -16.03
CA LEU B 58 16.24 25.67 -15.30
C LEU B 58 15.91 26.83 -16.22
N THR B 59 14.67 26.84 -16.71
CA THR B 59 14.26 27.79 -17.74
C THR B 59 13.54 28.98 -17.13
N LYS B 60 13.98 30.17 -17.52
CA LYS B 60 13.29 31.39 -17.10
C LYS B 60 12.17 31.64 -18.10
N CYS B 61 10.95 31.87 -17.60
N CYS B 61 10.96 31.68 -17.55
CA CYS B 61 9.80 32.07 -18.47
CA CYS B 61 9.83 32.27 -18.22
C CYS B 61 9.37 33.53 -18.44
C CYS B 61 10.12 33.77 -18.30
N GLN B 62 9.82 34.30 -19.44
CA GLN B 62 9.70 35.75 -19.42
C GLN B 62 8.30 36.15 -19.88
N ASN B 63 7.77 35.39 -20.84
CA ASN B 63 6.56 35.89 -21.49
C ASN B 63 5.37 35.79 -20.54
N ILE B 64 5.30 34.67 -19.81
CA ILE B 64 4.12 34.35 -19.03
C ILE B 64 3.98 35.30 -17.85
N THR B 65 5.07 35.94 -17.39
CA THR B 65 5.00 36.78 -16.19
C THR B 65 5.08 38.27 -16.54
N ALA B 66 5.01 38.59 -17.85
CA ALA B 66 5.20 39.98 -18.27
C ALA B 66 4.17 40.89 -17.60
N GLY B 67 4.61 42.07 -17.15
CA GLY B 67 3.71 43.03 -16.53
C GLY B 67 3.38 42.74 -15.06
N THR B 68 4.06 41.75 -14.47
CA THR B 68 3.93 41.48 -13.06
C THR B 68 5.32 41.51 -12.43
N ARG B 69 5.36 41.42 -11.09
CA ARG B 69 6.62 41.38 -10.37
C ARG B 69 6.99 39.94 -9.99
N THR B 70 6.42 38.94 -10.69
CA THR B 70 6.80 37.54 -10.53
C THR B 70 7.88 37.21 -11.56
N THR B 71 8.95 36.60 -11.06
CA THR B 71 9.94 35.94 -11.91
C THR B 71 9.75 34.45 -11.71
N LEU B 72 9.53 33.72 -12.81
CA LEU B 72 9.18 32.30 -12.73
C LEU B 72 10.20 31.48 -13.52
N TYR B 73 10.82 30.49 -12.84
CA TYR B 73 11.65 29.52 -13.53
C TYR B 73 10.96 28.16 -13.47
N LEU B 74 11.23 27.36 -14.52
CA LEU B 74 10.75 26.00 -14.57
C LEU B 74 11.93 25.04 -14.48
N LYS B 75 11.88 24.14 -13.48
CA LYS B 75 12.89 23.08 -13.43
C LYS B 75 12.49 21.98 -14.42
N ARG B 76 13.38 21.68 -15.38
CA ARG B 76 12.94 20.98 -16.59
C ARG B 76 13.11 19.47 -16.48
N GLU B 77 12.35 18.85 -15.57
CA GLU B 77 12.42 17.39 -15.49
C GLU B 77 11.74 16.76 -16.72
N ASP B 78 10.97 17.55 -17.47
CA ASP B 78 10.39 17.11 -18.75
C ASP B 78 11.49 16.73 -19.76
N LEU B 79 12.72 17.19 -19.52
CA LEU B 79 13.81 16.93 -20.48
C LEU B 79 14.64 15.70 -20.07
N LEU B 80 14.30 15.09 -18.94
CA LEU B 80 15.02 13.89 -18.51
C LEU B 80 14.62 12.73 -19.42
N HIS B 81 15.55 11.80 -19.65
CA HIS B 81 15.24 10.60 -20.40
C HIS B 81 14.02 9.91 -19.80
N GLY B 82 13.04 9.63 -20.66
CA GLY B 82 11.76 9.08 -20.25
C GLY B 82 10.68 10.16 -20.18
N GLY B 83 11.09 11.42 -20.08
CA GLY B 83 10.15 12.54 -20.17
C GLY B 83 9.49 12.88 -18.83
N ALA B 84 10.00 12.29 -17.74
CA ALA B 84 9.52 12.65 -16.41
C ALA B 84 10.62 12.40 -15.37
N HIS B 85 10.41 13.01 -14.20
CA HIS B 85 11.35 12.89 -13.09
C HIS B 85 11.49 11.45 -12.58
N LYS B 86 10.53 10.57 -12.90
CA LYS B 86 10.49 9.21 -12.38
C LYS B 86 11.81 8.47 -12.64
N THR B 87 12.49 8.80 -13.74
CA THR B 87 13.73 8.16 -14.15
C THR B 87 14.80 8.25 -13.04
N ASN B 88 14.84 9.38 -12.31
CA ASN B 88 15.93 9.57 -11.36
C ASN B 88 15.97 8.42 -10.37
N GLN B 89 14.84 8.18 -9.69
CA GLN B 89 14.91 7.28 -8.54
C GLN B 89 14.83 5.82 -9.00
N VAL B 90 14.26 5.57 -10.19
N VAL B 90 14.33 5.55 -10.21
CA VAL B 90 14.27 4.24 -10.75
CA VAL B 90 14.30 4.18 -10.68
C VAL B 90 15.72 3.76 -10.92
C VAL B 90 15.70 3.70 -11.05
N LEU B 91 16.60 4.64 -11.37
CA LEU B 91 18.00 4.26 -11.61
C LEU B 91 18.65 3.88 -10.27
N GLY B 92 18.38 4.67 -9.23
CA GLY B 92 18.93 4.41 -7.91
C GLY B 92 18.40 3.10 -7.35
N GLN B 93 17.08 2.91 -7.48
CA GLN B 93 16.48 1.69 -6.96
C GLN B 93 16.98 0.47 -7.72
N ALA B 94 17.18 0.59 -9.04
CA ALA B 94 17.70 -0.55 -9.80
C ALA B 94 19.11 -0.89 -9.30
N LEU B 95 19.91 0.13 -8.97
CA LEU B 95 21.24 -0.15 -8.45
C LEU B 95 21.14 -0.80 -7.06
N LEU B 96 20.13 -0.43 -6.26
CA LEU B 96 20.00 -1.08 -4.96
C LEU B 96 19.62 -2.54 -5.16
N ALA B 97 18.73 -2.81 -6.10
CA ALA B 97 18.34 -4.17 -6.41
C ALA B 97 19.59 -4.99 -6.73
N LYS B 98 20.47 -4.44 -7.57
CA LYS B 98 21.71 -5.14 -7.89
C LYS B 98 22.59 -5.32 -6.65
N ARG B 99 22.69 -4.27 -5.82
CA ARG B 99 23.52 -4.30 -4.63
C ARG B 99 23.13 -5.47 -3.74
N MET B 100 21.83 -5.80 -3.72
CA MET B 100 21.23 -6.80 -2.85
C MET B 100 21.29 -8.17 -3.52
N GLY B 101 21.80 -8.19 -4.75
CA GLY B 101 21.86 -9.43 -5.51
C GLY B 101 20.50 -9.86 -6.06
N LYS B 102 19.55 -8.93 -6.14
CA LYS B 102 18.27 -9.24 -6.73
C LYS B 102 18.37 -9.12 -8.24
N SER B 103 17.60 -9.97 -8.95
CA SER B 103 17.73 -10.11 -10.39
C SER B 103 16.42 -9.78 -11.09
N GLU B 104 15.38 -9.51 -10.30
CA GLU B 104 14.06 -9.23 -10.84
C GLU B 104 13.50 -7.95 -10.22
N ILE B 105 12.63 -7.26 -10.99
CA ILE B 105 12.02 -6.01 -10.55
C ILE B 105 10.50 -6.14 -10.67
N ILE B 106 9.81 -5.72 -9.60
CA ILE B 106 8.35 -5.57 -9.59
C ILE B 106 8.06 -4.07 -9.49
N ALA B 107 7.13 -3.56 -10.32
CA ALA B 107 6.74 -2.15 -10.20
C ALA B 107 5.24 -2.04 -10.43
N GLU B 108 4.66 -1.00 -9.81
CA GLU B 108 3.28 -0.64 -10.04
C GLU B 108 3.31 0.61 -10.90
N THR B 109 2.23 0.85 -11.65
CA THR B 109 2.11 2.13 -12.32
C THR B 109 0.63 2.41 -12.54
N GLY B 110 0.31 3.70 -12.57
CA GLY B 110 -1.04 4.14 -12.85
C GLY B 110 -1.11 4.76 -14.24
N ALA B 111 -0.43 5.90 -14.39
CA ALA B 111 -0.35 6.62 -15.64
C ALA B 111 0.55 5.86 -16.61
N GLY B 112 1.51 5.11 -16.06
CA GLY B 112 2.44 4.42 -16.95
C GLY B 112 3.86 4.99 -16.98
N ALA B 113 4.05 6.21 -16.46
CA ALA B 113 5.34 6.90 -16.50
C ALA B 113 6.36 6.15 -15.64
N HIS B 114 5.93 5.77 -14.44
CA HIS B 114 6.84 5.02 -13.60
C HIS B 114 7.12 3.65 -14.21
N GLY B 115 6.09 3.03 -14.78
CA GLY B 115 6.25 1.76 -15.44
C GLY B 115 7.26 1.84 -16.58
N VAL B 116 7.14 2.86 -17.43
CA VAL B 116 8.10 3.02 -18.53
C VAL B 116 9.51 3.21 -17.93
N ALA B 117 9.62 4.03 -16.88
CA ALA B 117 10.94 4.30 -16.32
C ALA B 117 11.52 3.00 -15.76
N SER B 118 10.68 2.21 -15.12
CA SER B 118 11.12 0.95 -14.52
C SER B 118 11.59 0.00 -15.63
N ALA B 119 10.83 -0.03 -16.74
CA ALA B 119 11.14 -0.93 -17.84
C ALA B 119 12.45 -0.50 -18.49
N LEU B 120 12.65 0.81 -18.66
CA LEU B 120 13.86 1.24 -19.33
C LEU B 120 15.09 0.91 -18.48
N ALA B 121 15.02 1.17 -17.18
CA ALA B 121 16.15 0.96 -16.31
C ALA B 121 16.45 -0.53 -16.24
N SER B 122 15.38 -1.35 -16.26
CA SER B 122 15.58 -2.78 -16.11
C SER B 122 16.27 -3.32 -17.36
N ALA B 123 15.88 -2.78 -18.53
CA ALA B 123 16.50 -3.16 -19.79
C ALA B 123 17.98 -2.81 -19.79
N LEU B 124 18.31 -1.60 -19.33
CA LEU B 124 19.69 -1.14 -19.32
C LEU B 124 20.52 -2.03 -18.40
N LEU B 125 19.96 -2.36 -17.25
CA LEU B 125 20.77 -2.91 -16.18
C LEU B 125 20.61 -4.43 -16.06
N GLY B 126 19.86 -5.03 -16.99
CA GLY B 126 19.79 -6.49 -17.09
C GLY B 126 18.93 -7.15 -16.02
N LEU B 127 17.86 -6.46 -15.61
CA LEU B 127 16.95 -7.03 -14.63
C LEU B 127 15.67 -7.43 -15.33
N LYS B 128 15.08 -8.52 -14.85
CA LYS B 128 13.80 -8.92 -15.42
C LYS B 128 12.70 -8.16 -14.71
N CYS B 129 11.83 -7.49 -15.49
CA CYS B 129 10.92 -6.49 -14.96
C CYS B 129 9.48 -6.96 -15.18
N ARG B 130 8.70 -6.96 -14.10
CA ARG B 130 7.25 -7.15 -14.19
C ARG B 130 6.54 -5.98 -13.54
N ILE B 131 5.56 -5.44 -14.27
CA ILE B 131 4.82 -4.24 -13.93
C ILE B 131 3.35 -4.58 -13.74
N TYR B 132 2.78 -4.19 -12.60
CA TYR B 132 1.37 -4.36 -12.35
C TYR B 132 0.68 -3.02 -12.62
N MET B 133 -0.46 -3.10 -13.29
CA MET B 133 -1.18 -1.90 -13.68
C MET B 133 -2.66 -2.25 -13.67
N GLY B 134 -3.47 -1.44 -12.99
CA GLY B 134 -4.89 -1.73 -12.93
C GLY B 134 -5.47 -1.91 -14.34
N ALA B 135 -6.38 -2.88 -14.50
CA ALA B 135 -6.91 -3.18 -15.81
C ALA B 135 -7.51 -1.94 -16.48
N LYS B 136 -8.13 -1.05 -15.69
CA LYS B 136 -8.70 0.18 -16.24
C LYS B 136 -7.58 1.06 -16.81
N ASP B 137 -6.40 1.03 -16.16
CA ASP B 137 -5.31 1.91 -16.55
C ASP B 137 -4.61 1.38 -17.80
N VAL B 138 -4.49 0.05 -17.89
CA VAL B 138 -3.95 -0.62 -19.07
C VAL B 138 -4.72 -0.15 -20.31
N GLU B 139 -6.05 -0.07 -20.16
CA GLU B 139 -6.93 0.29 -21.27
C GLU B 139 -6.73 1.74 -21.67
N ARG B 140 -6.47 2.60 -20.68
CA ARG B 140 -6.36 4.03 -20.87
C ARG B 140 -4.96 4.40 -21.36
N GLN B 141 -3.98 3.51 -21.17
CA GLN B 141 -2.60 3.88 -21.40
C GLN B 141 -1.91 2.90 -22.35
N SER B 142 -2.59 2.56 -23.46
CA SER B 142 -2.07 1.70 -24.50
C SER B 142 -0.66 2.12 -24.92
N PRO B 143 -0.36 3.41 -25.17
CA PRO B 143 0.99 3.79 -25.57
C PRO B 143 2.04 3.35 -24.56
N ASN B 144 1.81 3.66 -23.28
CA ASN B 144 2.79 3.40 -22.24
C ASN B 144 2.97 1.89 -22.07
N VAL B 145 1.87 1.15 -22.21
CA VAL B 145 1.92 -0.29 -22.06
C VAL B 145 2.81 -0.84 -23.17
N PHE B 146 2.66 -0.28 -24.36
CA PHE B 146 3.43 -0.78 -25.50
C PHE B 146 4.92 -0.48 -25.32
N ARG B 147 5.22 0.73 -24.82
CA ARG B 147 6.58 1.14 -24.54
C ARG B 147 7.22 0.19 -23.54
N MET B 148 6.48 -0.14 -22.48
CA MET B 148 6.97 -1.08 -21.47
C MET B 148 7.31 -2.43 -22.11
N ARG B 149 6.41 -2.94 -22.96
CA ARG B 149 6.59 -4.23 -23.58
C ARG B 149 7.74 -4.22 -24.60
N LEU B 150 7.87 -3.11 -25.35
CA LEU B 150 8.96 -2.96 -26.31
C LEU B 150 10.30 -3.08 -25.58
N MET B 151 10.32 -2.62 -24.33
CA MET B 151 11.55 -2.59 -23.55
C MET B 151 11.75 -3.91 -22.80
N GLY B 152 10.88 -4.89 -23.06
CA GLY B 152 11.03 -6.26 -22.60
C GLY B 152 10.37 -6.53 -21.24
N ALA B 153 9.62 -5.56 -20.73
CA ALA B 153 8.93 -5.77 -19.45
C ALA B 153 7.63 -6.55 -19.66
N GLU B 154 7.28 -7.36 -18.65
CA GLU B 154 5.99 -8.01 -18.55
C GLU B 154 5.03 -7.03 -17.88
N VAL B 155 3.92 -6.72 -18.57
CA VAL B 155 2.89 -5.89 -17.99
C VAL B 155 1.71 -6.78 -17.62
N ILE B 156 1.32 -6.74 -16.34
CA ILE B 156 0.31 -7.64 -15.82
C ILE B 156 -0.90 -6.82 -15.41
N PRO B 157 -2.04 -6.90 -16.15
CA PRO B 157 -3.25 -6.16 -15.78
C PRO B 157 -3.85 -6.70 -14.49
N VAL B 158 -4.31 -5.78 -13.63
CA VAL B 158 -4.87 -6.17 -12.35
C VAL B 158 -6.37 -5.89 -12.36
N HIS B 159 -7.16 -6.96 -12.13
CA HIS B 159 -8.60 -6.91 -12.32
C HIS B 159 -9.34 -6.84 -10.98
N SER B 160 -8.61 -6.93 -9.88
CA SER B 160 -9.22 -6.93 -8.55
C SER B 160 -9.53 -5.52 -8.08
N GLY B 161 -10.44 -5.40 -7.11
CA GLY B 161 -10.81 -4.12 -6.52
C GLY B 161 -11.40 -3.17 -7.57
N SER B 162 -10.83 -1.97 -7.70
CA SER B 162 -11.32 -0.99 -8.66
C SER B 162 -10.52 -1.06 -9.97
N ALA B 163 -9.58 -2.00 -10.07
CA ALA B 163 -8.76 -2.20 -11.26
C ALA B 163 -8.00 -0.92 -11.61
N THR B 164 -7.51 -0.20 -10.59
CA THR B 164 -6.69 0.99 -10.84
C THR B 164 -5.42 0.92 -10.00
N LEU B 165 -4.81 2.09 -9.73
CA LEU B 165 -3.45 2.11 -9.17
C LEU B 165 -3.38 1.42 -7.80
N LYS B 166 -4.35 1.69 -6.93
CA LYS B 166 -4.23 1.12 -5.60
C LYS B 166 -4.24 -0.40 -5.73
N ASP B 167 -4.95 -0.92 -6.74
CA ASP B 167 -5.12 -2.35 -6.88
C ASP B 167 -3.82 -2.95 -7.44
N ALA B 168 -3.17 -2.20 -8.32
CA ALA B 168 -1.82 -2.52 -8.77
C ALA B 168 -0.82 -2.52 -7.61
N CYS B 169 -0.92 -1.53 -6.71
CA CYS B 169 -0.11 -1.44 -5.51
C CYS B 169 -0.27 -2.71 -4.69
N ASN B 170 -1.52 -3.16 -4.49
CA ASN B 170 -1.75 -4.37 -3.71
C ASN B 170 -1.07 -5.57 -4.35
N GLU B 171 -1.23 -5.71 -5.67
CA GLU B 171 -0.74 -6.88 -6.39
C GLU B 171 0.78 -6.94 -6.33
N ALA B 172 1.43 -5.76 -6.45
CA ALA B 172 2.87 -5.70 -6.33
C ALA B 172 3.29 -6.22 -4.95
N LEU B 173 2.60 -5.79 -3.89
CA LEU B 173 2.95 -6.24 -2.55
C LEU B 173 2.63 -7.72 -2.34
N ARG B 174 1.56 -8.26 -2.95
CA ARG B 174 1.29 -9.69 -2.84
C ARG B 174 2.40 -10.52 -3.50
N ASP B 175 2.81 -10.09 -4.69
CA ASP B 175 3.90 -10.73 -5.42
C ASP B 175 5.19 -10.68 -4.60
N TRP B 176 5.53 -9.47 -4.11
CA TRP B 176 6.74 -9.32 -3.33
C TRP B 176 6.73 -10.23 -2.10
N SER B 177 5.56 -10.38 -1.45
CA SER B 177 5.51 -11.12 -0.20
C SER B 177 5.89 -12.58 -0.42
N GLY B 178 5.98 -12.98 -1.70
CA GLY B 178 6.30 -14.35 -2.08
C GLY B 178 7.60 -14.48 -2.87
N SER B 179 8.16 -13.35 -3.32
CA SER B 179 9.30 -13.37 -4.24
C SER B 179 10.49 -12.54 -3.76
N TYR B 180 10.42 -11.99 -2.55
CA TYR B 180 11.38 -10.98 -2.11
C TYR B 180 12.82 -11.53 -2.08
N GLU B 181 13.00 -12.86 -2.11
CA GLU B 181 14.37 -13.36 -2.01
C GLU B 181 15.14 -13.09 -3.30
N THR B 182 14.41 -12.95 -4.41
CA THR B 182 15.03 -12.74 -5.72
C THR B 182 14.60 -11.41 -6.36
N ALA B 183 13.47 -10.83 -5.91
CA ALA B 183 12.93 -9.68 -6.63
C ALA B 183 12.93 -8.46 -5.72
N HIS B 184 13.19 -7.30 -6.32
CA HIS B 184 13.03 -6.03 -5.63
C HIS B 184 11.72 -5.36 -6.07
N TYR B 185 10.98 -4.77 -5.11
CA TYR B 185 9.79 -4.00 -5.45
C TYR B 185 10.18 -2.53 -5.66
N MET B 186 10.10 -2.06 -6.92
CA MET B 186 10.53 -0.70 -7.26
C MET B 186 9.30 0.21 -7.18
N LEU B 187 8.99 0.66 -5.96
CA LEU B 187 7.83 1.52 -5.70
C LEU B 187 8.08 2.86 -6.38
N GLY B 188 7.00 3.46 -6.92
CA GLY B 188 7.18 4.59 -7.81
C GLY B 188 6.96 5.98 -7.21
N THR B 189 6.73 6.08 -5.90
CA THR B 189 6.53 7.40 -5.30
C THR B 189 7.12 7.43 -3.90
N ALA B 190 7.11 8.62 -3.27
CA ALA B 190 7.66 8.77 -1.94
C ALA B 190 6.62 8.40 -0.87
N ALA B 191 6.11 7.16 -0.96
CA ALA B 191 5.03 6.72 -0.09
C ALA B 191 5.26 5.23 0.15
N GLY B 192 4.29 4.56 0.78
CA GLY B 192 4.47 3.15 1.08
C GLY B 192 5.19 2.97 2.41
N PRO B 193 5.58 1.73 2.81
CA PRO B 193 6.24 1.52 4.10
C PRO B 193 7.67 2.04 4.07
N HIS B 194 8.17 2.44 5.25
CA HIS B 194 9.60 2.68 5.36
C HIS B 194 10.32 1.43 4.87
N PRO B 195 11.43 1.52 4.10
CA PRO B 195 12.15 2.77 3.86
C PRO B 195 11.85 3.55 2.58
N TYR B 196 10.78 3.21 1.89
CA TYR B 196 10.54 3.83 0.60
C TYR B 196 10.43 5.36 0.63
N PRO B 197 9.65 6.00 1.52
CA PRO B 197 9.57 7.46 1.49
C PRO B 197 10.95 8.11 1.56
N THR B 198 11.84 7.53 2.39
CA THR B 198 13.18 8.05 2.59
C THR B 198 14.02 7.80 1.32
N ILE B 199 13.98 6.56 0.78
CA ILE B 199 14.81 6.22 -0.37
C ILE B 199 14.43 7.07 -1.57
N VAL B 200 13.12 7.20 -1.78
CA VAL B 200 12.66 7.92 -2.97
C VAL B 200 13.03 9.40 -2.88
N ARG B 201 12.87 10.00 -1.69
CA ARG B 201 13.35 11.37 -1.51
C ARG B 201 14.83 11.50 -1.85
N GLU B 202 15.68 10.64 -1.27
CA GLU B 202 17.12 10.77 -1.44
C GLU B 202 17.54 10.54 -2.89
N PHE B 203 16.77 9.75 -3.62
CA PHE B 203 17.10 9.46 -5.01
C PHE B 203 16.41 10.44 -5.96
N GLN B 204 15.65 11.40 -5.42
CA GLN B 204 15.08 12.49 -6.21
C GLN B 204 15.67 13.85 -5.81
N ARG B 205 16.52 13.89 -4.79
CA ARG B 205 16.83 15.20 -4.18
C ARG B 205 17.74 16.03 -5.09
N MET B 206 18.32 15.41 -6.13
CA MET B 206 19.12 16.20 -7.05
C MET B 206 18.27 17.25 -7.75
N ILE B 207 16.95 17.05 -7.84
CA ILE B 207 16.08 18.08 -8.41
C ILE B 207 16.27 19.40 -7.65
N GLY B 208 16.08 19.37 -6.32
CA GLY B 208 16.18 20.59 -5.53
C GLY B 208 17.63 21.06 -5.46
N GLU B 209 18.58 20.12 -5.37
CA GLU B 209 19.97 20.53 -5.24
C GLU B 209 20.41 21.32 -6.48
N GLU B 210 20.05 20.79 -7.67
CA GLU B 210 20.41 21.49 -8.89
C GLU B 210 19.70 22.84 -8.93
N THR B 211 18.38 22.83 -8.62
CA THR B 211 17.59 24.06 -8.62
C THR B 211 18.24 25.12 -7.74
N LYS B 212 18.69 24.73 -6.55
CA LYS B 212 19.35 25.70 -5.68
C LYS B 212 20.59 26.28 -6.35
N ALA B 213 21.44 25.41 -6.92
CA ALA B 213 22.66 25.91 -7.54
C ALA B 213 22.35 26.81 -8.74
N GLN B 214 21.34 26.42 -9.52
CA GLN B 214 20.97 27.15 -10.73
C GLN B 214 20.39 28.52 -10.37
N ILE B 215 19.56 28.55 -9.33
CA ILE B 215 18.94 29.81 -9.00
C ILE B 215 19.96 30.75 -8.37
N LEU B 216 20.88 30.19 -7.58
CA LEU B 216 21.93 31.05 -7.05
C LEU B 216 22.79 31.65 -8.16
N ASP B 217 23.11 30.85 -9.17
CA ASP B 217 23.92 31.33 -10.29
C ASP B 217 23.20 32.44 -11.04
N LYS B 218 21.90 32.28 -11.29
CA LYS B 218 21.16 33.15 -12.19
C LYS B 218 20.63 34.39 -11.45
N GLU B 219 20.33 34.23 -10.17
CA GLU B 219 19.61 35.29 -9.44
C GLU B 219 20.34 35.77 -8.20
N GLY B 220 21.33 35.01 -7.73
CA GLY B 220 22.16 35.40 -6.59
C GLY B 220 21.46 35.21 -5.24
N ARG B 221 20.36 34.47 -5.22
CA ARG B 221 19.62 34.29 -3.99
C ARG B 221 18.72 33.06 -4.12
N LEU B 222 18.16 32.63 -2.99
CA LEU B 222 17.26 31.49 -3.00
C LEU B 222 15.89 31.92 -3.51
N PRO B 223 15.06 30.98 -3.99
CA PRO B 223 13.72 31.33 -4.44
C PRO B 223 12.87 31.73 -3.23
N ASP B 224 11.80 32.50 -3.48
CA ASP B 224 10.82 32.79 -2.45
C ASP B 224 9.96 31.56 -2.21
N ALA B 225 9.69 30.77 -3.26
CA ALA B 225 8.94 29.53 -3.08
C ALA B 225 9.30 28.57 -4.20
N VAL B 226 9.17 27.28 -3.87
CA VAL B 226 9.24 26.24 -4.91
C VAL B 226 7.95 25.45 -4.84
N ILE B 227 7.41 25.12 -6.03
CA ILE B 227 6.04 24.68 -6.21
C ILE B 227 6.04 23.40 -7.03
N ALA B 228 5.37 22.37 -6.52
CA ALA B 228 5.37 21.10 -7.23
C ALA B 228 4.03 20.40 -7.03
N CYS B 229 3.58 19.66 -8.05
CA CYS B 229 2.38 18.87 -7.92
C CYS B 229 2.65 17.67 -7.01
N VAL B 230 1.60 17.17 -6.34
CA VAL B 230 1.72 16.07 -5.39
C VAL B 230 0.68 15.01 -5.77
N GLY B 231 1.19 13.90 -6.30
CA GLY B 231 0.41 12.71 -6.53
C GLY B 231 0.61 11.75 -5.36
N GLY B 232 1.77 11.11 -5.33
CA GLY B 232 2.22 10.40 -4.14
C GLY B 232 3.29 11.20 -3.40
N GLY B 233 3.96 12.10 -4.11
CA GLY B 233 4.88 12.98 -3.40
C GLY B 233 6.34 12.97 -3.84
N SER B 234 6.72 12.17 -4.85
CA SER B 234 8.13 12.05 -5.19
C SER B 234 8.75 13.29 -5.85
N ASN B 235 8.13 13.84 -6.91
CA ASN B 235 8.75 15.00 -7.54
C ASN B 235 8.78 16.16 -6.55
N ALA B 236 7.71 16.30 -5.78
CA ALA B 236 7.66 17.41 -4.83
C ALA B 236 8.76 17.27 -3.77
N ILE B 237 8.87 16.08 -3.18
CA ILE B 237 9.86 15.96 -2.11
C ILE B 237 11.27 16.05 -2.69
N GLY B 238 11.43 15.63 -3.95
CA GLY B 238 12.73 15.78 -4.57
C GLY B 238 13.10 17.25 -4.79
N MET B 239 12.10 18.06 -5.15
CA MET B 239 12.34 19.50 -5.23
C MET B 239 12.52 20.11 -3.83
N PHE B 240 11.71 19.70 -2.83
CA PHE B 240 11.70 20.37 -1.52
C PHE B 240 12.94 20.05 -0.67
N ALA B 241 13.49 18.83 -0.79
CA ALA B 241 14.37 18.31 0.26
C ALA B 241 15.52 19.26 0.60
N ASP B 242 16.26 19.67 -0.44
CA ASP B 242 17.43 20.49 -0.23
C ASP B 242 17.11 21.88 0.31
N PHE B 243 15.83 22.29 0.27
CA PHE B 243 15.42 23.59 0.76
C PHE B 243 14.78 23.51 2.14
N ILE B 244 14.53 22.30 2.68
CA ILE B 244 13.82 22.24 3.96
C ILE B 244 14.50 23.11 5.03
N ASN B 245 15.83 23.06 5.10
CA ASN B 245 16.51 23.82 6.14
C ASN B 245 16.69 25.30 5.80
N ASP B 246 16.29 25.70 4.60
CA ASP B 246 16.32 27.11 4.22
C ASP B 246 14.95 27.69 4.54
N THR B 247 14.79 28.22 5.76
CA THR B 247 13.43 28.42 6.25
C THR B 247 12.73 29.59 5.54
N SER B 248 13.48 30.43 4.82
CA SER B 248 12.90 31.52 4.03
C SER B 248 12.20 30.99 2.77
N VAL B 249 12.46 29.75 2.40
CA VAL B 249 12.00 29.28 1.10
C VAL B 249 10.67 28.58 1.30
N GLY B 250 9.60 29.10 0.69
CA GLY B 250 8.31 28.42 0.75
C GLY B 250 8.30 27.10 -0.04
N LEU B 251 7.62 26.11 0.54
CA LEU B 251 7.46 24.82 -0.12
C LEU B 251 5.97 24.62 -0.32
N ILE B 252 5.52 24.62 -1.60
CA ILE B 252 4.09 24.56 -1.87
C ILE B 252 3.82 23.31 -2.68
N GLY B 253 3.00 22.42 -2.11
CA GLY B 253 2.60 21.23 -2.83
C GLY B 253 1.20 21.39 -3.38
N VAL B 254 0.96 20.87 -4.59
CA VAL B 254 -0.35 21.10 -5.23
C VAL B 254 -0.99 19.75 -5.51
N GLU B 255 -2.09 19.50 -4.82
CA GLU B 255 -2.88 18.28 -5.02
C GLU B 255 -3.91 18.55 -6.09
N PRO B 256 -4.39 17.51 -6.81
CA PRO B 256 -5.46 17.72 -7.80
C PRO B 256 -6.83 17.91 -7.16
N GLY B 257 -7.48 19.01 -7.56
CA GLY B 257 -8.81 19.29 -7.05
C GLY B 257 -9.90 18.69 -7.93
N GLY B 258 -9.51 18.08 -9.05
CA GLY B 258 -10.48 17.38 -9.89
C GLY B 258 -11.59 18.31 -10.38
N HIS B 259 -12.84 17.90 -10.16
CA HIS B 259 -13.98 18.70 -10.58
C HIS B 259 -14.28 19.78 -9.54
N GLY B 260 -13.51 19.80 -8.45
CA GLY B 260 -13.71 20.70 -7.32
C GLY B 260 -13.80 19.94 -6.00
N ILE B 261 -13.18 20.47 -4.94
CA ILE B 261 -13.12 19.76 -3.66
C ILE B 261 -14.53 19.41 -3.20
N GLU B 262 -15.44 20.38 -3.33
CA GLU B 262 -16.80 20.25 -2.83
C GLU B 262 -17.56 19.11 -3.53
N THR B 263 -17.11 18.71 -4.73
CA THR B 263 -17.79 17.65 -5.48
C THR B 263 -17.45 16.27 -4.91
N GLY B 264 -16.33 16.20 -4.16
CA GLY B 264 -15.81 14.93 -3.70
C GLY B 264 -14.97 14.23 -4.78
N GLU B 265 -15.04 14.73 -6.01
N GLU B 265 -15.03 14.75 -6.01
CA GLU B 265 -14.29 14.10 -7.09
CA GLU B 265 -14.32 14.19 -7.14
C GLU B 265 -12.97 14.84 -7.26
C GLU B 265 -12.96 14.88 -7.26
N HIS B 266 -12.01 14.43 -6.44
CA HIS B 266 -10.70 15.07 -6.43
C HIS B 266 -9.68 14.03 -6.00
N GLY B 267 -8.44 14.50 -5.84
CA GLY B 267 -7.38 13.63 -5.36
C GLY B 267 -6.51 14.37 -4.35
N ALA B 268 -7.17 14.98 -3.35
CA ALA B 268 -6.47 15.86 -2.44
C ALA B 268 -6.62 15.34 -1.01
N PRO B 269 -6.12 14.14 -0.72
CA PRO B 269 -6.25 13.59 0.62
C PRO B 269 -5.50 14.37 1.70
N LEU B 270 -4.35 14.99 1.37
CA LEU B 270 -3.58 15.67 2.40
C LEU B 270 -4.44 16.74 3.07
N LYS B 271 -5.13 17.55 2.26
CA LYS B 271 -5.93 18.62 2.85
C LYS B 271 -7.40 18.26 3.00
N HIS B 272 -7.91 17.22 2.30
CA HIS B 272 -9.36 16.99 2.29
C HIS B 272 -9.72 15.53 2.52
N GLY B 273 -8.73 14.69 2.79
CA GLY B 273 -9.05 13.32 3.16
C GLY B 273 -9.00 13.14 4.67
N ARG B 274 -8.63 11.93 5.10
CA ARG B 274 -8.66 11.57 6.50
C ARG B 274 -7.53 10.57 6.72
N VAL B 275 -6.77 10.75 7.81
CA VAL B 275 -5.67 9.81 8.08
C VAL B 275 -6.22 8.39 8.22
N GLY B 276 -5.48 7.46 7.61
CA GLY B 276 -5.81 6.05 7.68
C GLY B 276 -4.52 5.25 7.61
N ILE B 277 -4.66 3.93 7.57
CA ILE B 277 -3.48 3.09 7.43
C ILE B 277 -3.69 2.17 6.26
N TYR B 278 -2.83 2.31 5.25
CA TYR B 278 -2.97 1.52 4.04
C TYR B 278 -1.70 1.72 3.23
N PHE B 279 -1.48 0.75 2.33
N PHE B 279 -1.43 0.83 2.28
CA PHE B 279 -0.28 0.63 1.51
CA PHE B 279 -0.23 0.95 1.47
C PHE B 279 0.97 0.86 2.36
C PHE B 279 1.04 0.84 2.32
N GLY B 280 0.98 0.22 3.53
CA GLY B 280 2.14 0.15 4.39
C GLY B 280 2.43 1.40 5.22
N MET B 281 1.52 2.38 5.22
CA MET B 281 1.81 3.63 5.91
C MET B 281 0.57 4.19 6.59
N LYS B 282 0.84 4.99 7.61
CA LYS B 282 -0.17 5.87 8.21
C LYS B 282 -0.06 7.23 7.56
N ALA B 283 -1.12 7.64 6.86
CA ALA B 283 -1.08 8.86 6.06
C ALA B 283 -2.50 9.29 5.72
N PRO B 284 -2.72 10.56 5.31
CA PRO B 284 -4.02 10.96 4.79
C PRO B 284 -4.43 10.11 3.59
N MET B 285 -5.72 9.68 3.58
N MET B 285 -5.70 9.72 3.51
CA MET B 285 -6.27 8.74 2.60
CA MET B 285 -6.06 9.03 2.29
C MET B 285 -7.53 9.33 1.96
C MET B 285 -7.51 9.29 1.95
N MET B 286 -7.83 8.94 0.71
CA MET B 286 -9.19 9.02 0.19
C MET B 286 -9.84 7.71 0.66
N GLN B 287 -10.92 7.84 1.42
CA GLN B 287 -11.58 6.67 2.00
C GLN B 287 -13.06 6.96 2.27
N THR B 288 -13.87 5.89 2.33
CA THR B 288 -15.26 6.07 2.73
C THR B 288 -15.35 6.32 4.23
N ALA B 289 -16.57 6.61 4.70
CA ALA B 289 -16.83 6.88 6.11
C ALA B 289 -16.53 5.65 6.96
N ASP B 290 -16.67 4.47 6.33
N ASP B 290 -16.66 4.46 6.38
CA ASP B 290 -16.51 3.14 6.93
CA ASP B 290 -16.42 3.24 7.14
C ASP B 290 -15.05 2.70 6.90
C ASP B 290 -15.07 2.62 6.79
N GLY B 291 -14.19 3.43 6.16
CA GLY B 291 -12.78 3.07 6.07
C GLY B 291 -12.39 2.18 4.88
N GLN B 292 -13.22 2.16 3.81
CA GLN B 292 -12.79 1.50 2.58
C GLN B 292 -11.97 2.50 1.77
N ILE B 293 -10.93 2.04 1.09
CA ILE B 293 -10.08 2.93 0.31
C ILE B 293 -10.74 3.27 -1.03
N GLU B 294 -10.67 4.56 -1.37
CA GLU B 294 -11.28 5.11 -2.58
C GLU B 294 -10.20 5.59 -3.54
N GLU B 295 -10.60 5.91 -4.78
CA GLU B 295 -9.63 6.35 -5.79
C GLU B 295 -9.49 7.87 -5.75
N SER B 296 -8.34 8.39 -6.23
CA SER B 296 -8.19 9.81 -6.53
C SER B 296 -8.72 10.09 -7.93
N TYR B 297 -9.60 11.11 -8.06
CA TYR B 297 -9.99 11.58 -9.38
C TYR B 297 -9.18 12.82 -9.75
N SER B 298 -8.63 12.81 -10.97
CA SER B 298 -8.04 13.99 -11.61
C SER B 298 -8.10 13.82 -13.13
N ILE B 299 -8.14 14.95 -13.86
CA ILE B 299 -7.96 14.93 -15.30
C ILE B 299 -6.59 14.33 -15.62
N SER B 300 -5.64 14.48 -14.70
N SER B 300 -5.66 14.48 -14.68
CA SER B 300 -4.28 14.03 -14.95
CA SER B 300 -4.31 14.02 -14.92
C SER B 300 -4.09 12.63 -14.37
C SER B 300 -4.13 12.61 -14.36
N ALA B 301 -3.72 11.70 -15.25
CA ALA B 301 -3.59 10.29 -14.89
C ALA B 301 -2.61 10.07 -13.76
N GLY B 302 -1.55 10.90 -13.69
CA GLY B 302 -0.47 10.63 -12.75
C GLY B 302 -0.68 11.16 -11.33
N LEU B 303 -1.78 11.90 -11.13
CA LEU B 303 -2.09 12.39 -9.81
C LEU B 303 -3.17 11.52 -9.13
N ASP B 304 -3.19 10.24 -9.52
CA ASP B 304 -4.13 9.19 -9.12
C ASP B 304 -3.80 8.40 -7.85
N PHE B 305 -2.65 8.62 -7.18
CA PHE B 305 -2.36 7.89 -5.97
C PHE B 305 -3.30 8.35 -4.87
N PRO B 306 -4.16 7.47 -4.28
CA PRO B 306 -5.24 7.91 -3.37
C PRO B 306 -4.81 8.28 -1.94
N SER B 307 -3.52 8.39 -1.73
CA SER B 307 -3.02 8.85 -0.44
C SER B 307 -1.92 9.84 -0.75
N VAL B 308 -0.93 9.97 0.13
CA VAL B 308 0.15 10.93 -0.05
C VAL B 308 1.30 10.47 0.83
N GLY B 309 2.52 10.78 0.40
CA GLY B 309 3.68 10.33 1.17
C GLY B 309 3.69 10.95 2.57
N PRO B 310 4.20 10.20 3.56
CA PRO B 310 4.10 10.61 4.95
C PRO B 310 4.93 11.86 5.26
N GLN B 311 6.03 12.06 4.52
CA GLN B 311 6.83 13.25 4.82
C GLN B 311 6.02 14.50 4.48
N HIS B 312 5.19 14.45 3.43
CA HIS B 312 4.37 15.63 3.10
C HIS B 312 3.39 15.89 4.23
N ALA B 313 2.72 14.82 4.73
CA ALA B 313 1.76 15.02 5.81
C ALA B 313 2.48 15.64 7.00
N TYR B 314 3.72 15.20 7.27
CA TYR B 314 4.47 15.74 8.39
C TYR B 314 4.84 17.22 8.19
N LEU B 315 5.37 17.55 7.01
CA LEU B 315 5.81 18.92 6.71
C LEU B 315 4.60 19.85 6.79
N ASN B 316 3.44 19.35 6.38
CA ASN B 316 2.22 20.11 6.54
C ASN B 316 1.91 20.35 8.02
N SER B 317 1.96 19.27 8.82
N SER B 317 1.90 19.26 8.81
CA SER B 317 1.51 19.31 10.21
CA SER B 317 1.50 19.33 10.20
C SER B 317 2.33 20.29 11.05
C SER B 317 2.31 20.40 10.96
N ILE B 318 3.62 20.42 10.73
CA ILE B 318 4.48 21.38 11.42
C ILE B 318 4.49 22.75 10.74
N GLY B 319 3.80 22.91 9.62
CA GLY B 319 3.73 24.22 8.96
C GLY B 319 4.98 24.59 8.16
N ARG B 320 5.84 23.60 7.88
CA ARG B 320 7.01 23.86 7.04
C ARG B 320 6.63 23.97 5.58
N ALA B 321 5.67 23.15 5.15
CA ALA B 321 5.19 23.18 3.77
C ALA B 321 3.70 23.48 3.78
N ASP B 322 3.25 24.14 2.71
CA ASP B 322 1.83 24.42 2.55
C ASP B 322 1.29 23.68 1.34
N TYR B 323 0.05 23.17 1.46
CA TYR B 323 -0.53 22.37 0.40
C TYR B 323 -1.85 22.99 -0.02
N VAL B 324 -2.03 23.02 -1.33
CA VAL B 324 -3.16 23.67 -1.99
C VAL B 324 -3.70 22.70 -3.04
N SER B 325 -4.81 23.08 -3.66
CA SER B 325 -5.30 22.27 -4.76
C SER B 325 -5.61 23.13 -6.00
N ILE B 326 -5.61 22.46 -7.15
CA ILE B 326 -5.86 23.06 -8.45
C ILE B 326 -6.83 22.14 -9.19
N THR B 327 -7.88 22.74 -9.74
CA THR B 327 -8.90 21.95 -10.40
C THR B 327 -8.46 21.55 -11.82
N ASP B 328 -9.21 20.59 -12.41
CA ASP B 328 -8.98 20.19 -13.80
C ASP B 328 -8.93 21.43 -14.70
N ASP B 329 -9.91 22.34 -14.54
CA ASP B 329 -9.99 23.46 -15.47
C ASP B 329 -8.80 24.41 -15.32
N GLU B 330 -8.39 24.66 -14.07
CA GLU B 330 -7.19 25.46 -13.82
C GLU B 330 -5.97 24.81 -14.48
N ALA B 331 -5.79 23.49 -14.29
CA ALA B 331 -4.64 22.80 -14.86
C ALA B 331 -4.66 22.90 -16.40
N LEU B 332 -5.84 22.74 -17.00
CA LEU B 332 -5.95 22.82 -18.45
C LEU B 332 -5.58 24.22 -18.95
N GLU B 333 -6.02 25.26 -18.24
CA GLU B 333 -5.65 26.63 -18.63
C GLU B 333 -4.14 26.83 -18.55
N ALA B 334 -3.49 26.26 -17.53
CA ALA B 334 -2.05 26.44 -17.37
C ALA B 334 -1.31 25.73 -18.52
N PHE B 335 -1.81 24.54 -18.88
CA PHE B 335 -1.26 23.75 -19.97
C PHE B 335 -1.26 24.59 -21.26
N LYS B 336 -2.42 25.15 -21.61
CA LYS B 336 -2.55 25.92 -22.85
C LYS B 336 -1.64 27.14 -22.79
N THR B 337 -1.62 27.82 -21.65
CA THR B 337 -0.83 29.03 -21.48
C THR B 337 0.67 28.78 -21.70
N LEU B 338 1.20 27.68 -21.15
CA LEU B 338 2.63 27.45 -21.28
C LEU B 338 2.98 27.13 -22.73
N CYS B 339 2.13 26.35 -23.38
N CYS B 339 2.09 26.38 -23.38
CA CYS B 339 2.33 25.96 -24.77
CA CYS B 339 2.26 25.94 -24.75
C CYS B 339 2.49 27.23 -25.60
C CYS B 339 2.39 27.17 -25.67
N ARG B 340 1.51 28.15 -25.47
CA ARG B 340 1.38 29.30 -26.36
C ARG B 340 2.37 30.42 -26.04
N HIS B 341 2.79 30.52 -24.76
CA HIS B 341 3.62 31.65 -24.37
C HIS B 341 5.08 31.28 -24.18
N GLU B 342 5.38 30.00 -23.94
CA GLU B 342 6.77 29.62 -23.69
C GLU B 342 7.26 28.52 -24.65
N GLY B 343 6.36 27.93 -25.44
CA GLY B 343 6.74 26.87 -26.37
C GLY B 343 7.19 25.60 -25.63
N ILE B 344 6.57 25.34 -24.48
CA ILE B 344 6.81 24.11 -23.75
C ILE B 344 5.46 23.45 -23.52
N ILE B 345 5.36 22.15 -23.82
CA ILE B 345 4.14 21.40 -23.56
C ILE B 345 4.33 20.64 -22.26
N PRO B 346 3.65 21.04 -21.16
CA PRO B 346 3.88 20.41 -19.85
C PRO B 346 2.94 19.23 -19.65
N ALA B 347 3.38 18.26 -18.85
CA ALA B 347 2.50 17.19 -18.42
C ALA B 347 1.29 17.81 -17.70
N LEU B 348 0.11 17.21 -17.84
CA LEU B 348 -1.03 17.72 -17.08
C LEU B 348 -0.78 17.64 -15.56
N GLU B 349 0.04 16.70 -15.09
CA GLU B 349 0.32 16.66 -13.66
C GLU B 349 1.01 17.97 -13.29
N SER B 350 2.10 18.25 -14.01
CA SER B 350 2.96 19.40 -13.76
C SER B 350 2.17 20.70 -13.92
N SER B 351 1.19 20.67 -14.83
CA SER B 351 0.33 21.81 -15.13
C SER B 351 -0.40 22.26 -13.86
N HIS B 352 -0.61 21.34 -12.89
CA HIS B 352 -1.25 21.74 -11.64
C HIS B 352 -0.32 22.66 -10.87
N ALA B 353 0.97 22.32 -10.80
CA ALA B 353 1.92 23.21 -10.13
C ALA B 353 1.97 24.56 -10.85
N LEU B 354 2.06 24.53 -12.19
CA LEU B 354 2.15 25.79 -12.94
C LEU B 354 0.90 26.65 -12.69
N ALA B 355 -0.26 25.99 -12.68
CA ALA B 355 -1.52 26.72 -12.42
C ALA B 355 -1.48 27.46 -11.09
N HIS B 356 -0.89 26.83 -10.05
CA HIS B 356 -0.88 27.50 -8.76
C HIS B 356 0.08 28.68 -8.81
N ALA B 357 1.25 28.53 -9.48
CA ALA B 357 2.16 29.66 -9.63
C ALA B 357 1.49 30.80 -10.38
N LEU B 358 0.70 30.50 -11.42
CA LEU B 358 0.04 31.55 -12.17
C LEU B 358 -0.95 32.30 -11.28
N LYS B 359 -1.62 31.52 -10.43
N LYS B 359 -1.63 31.54 -10.41
CA LYS B 359 -2.55 32.11 -9.46
CA LYS B 359 -2.54 32.13 -9.44
C LYS B 359 -1.79 33.01 -8.47
C LYS B 359 -1.78 33.04 -8.48
N MET B 360 -0.64 32.57 -7.97
CA MET B 360 0.17 33.41 -7.07
C MET B 360 0.52 34.75 -7.73
N MET B 361 0.90 34.69 -9.01
CA MET B 361 1.25 35.88 -9.78
C MET B 361 -0.01 36.73 -10.03
N ARG B 362 -1.10 36.09 -10.49
CA ARG B 362 -2.22 36.87 -10.99
C ARG B 362 -2.98 37.53 -9.84
N GLU B 363 -2.98 36.87 -8.69
CA GLU B 363 -3.79 37.37 -7.58
C GLU B 363 -3.12 38.63 -7.00
N GLN B 364 -1.79 38.68 -7.07
CA GLN B 364 -1.01 39.72 -6.42
C GLN B 364 0.10 40.14 -7.37
N PRO B 365 -0.23 40.79 -8.51
CA PRO B 365 0.72 41.00 -9.60
C PRO B 365 1.83 42.00 -9.28
N GLU B 366 1.67 42.78 -8.19
N GLU B 366 1.66 42.76 -8.19
CA GLU B 366 2.72 43.72 -7.80
CA GLU B 366 2.65 43.74 -7.77
C GLU B 366 3.54 43.18 -6.64
C GLU B 366 3.48 43.20 -6.60
N LYS B 367 3.29 41.92 -6.24
CA LYS B 367 4.13 41.27 -5.24
C LYS B 367 5.41 40.79 -5.91
N GLU B 368 6.56 41.22 -5.38
CA GLU B 368 7.84 40.73 -5.89
C GLU B 368 8.04 39.32 -5.38
N GLN B 369 8.13 38.36 -6.31
CA GLN B 369 8.33 36.99 -5.88
C GLN B 369 9.10 36.22 -6.95
N LEU B 370 10.06 35.43 -6.47
CA LEU B 370 10.88 34.58 -7.32
C LEU B 370 10.46 33.14 -7.08
N LEU B 371 9.82 32.55 -8.10
CA LEU B 371 9.19 31.26 -7.95
C LEU B 371 9.88 30.25 -8.86
N VAL B 372 9.95 28.99 -8.39
CA VAL B 372 10.32 27.88 -9.27
C VAL B 372 9.18 26.87 -9.24
N VAL B 373 8.74 26.48 -10.46
CA VAL B 373 7.82 25.36 -10.62
C VAL B 373 8.62 24.15 -11.05
N ASN B 374 8.37 23.00 -10.38
CA ASN B 374 8.98 21.77 -10.86
C ASN B 374 8.15 21.24 -12.03
N LEU B 375 8.74 21.20 -13.24
CA LEU B 375 8.03 20.71 -14.40
C LEU B 375 8.34 19.22 -14.51
N SER B 376 7.49 18.44 -13.83
CA SER B 376 7.81 17.06 -13.53
C SER B 376 7.82 16.18 -14.78
N GLY B 377 7.09 16.58 -15.83
CA GLY B 377 7.08 15.77 -17.04
C GLY B 377 6.66 16.61 -18.26
N ARG B 378 6.93 16.05 -19.46
CA ARG B 378 6.43 16.63 -20.71
C ARG B 378 5.01 16.15 -20.98
N GLY B 379 4.29 16.91 -21.83
CA GLY B 379 2.86 16.72 -21.97
C GLY B 379 2.47 16.13 -23.32
N ASP B 380 3.45 15.62 -24.05
CA ASP B 380 3.21 14.96 -25.32
C ASP B 380 2.08 13.95 -25.16
N LYS B 381 2.18 13.16 -24.08
CA LYS B 381 1.25 12.10 -23.72
C LYS B 381 -0.17 12.62 -23.47
N ASP B 382 -0.33 13.93 -23.24
CA ASP B 382 -1.61 14.47 -22.83
C ASP B 382 -2.36 15.18 -23.95
N ILE B 383 -1.81 15.21 -25.18
CA ILE B 383 -2.37 16.09 -26.20
C ILE B 383 -3.69 15.50 -26.72
N PHE B 384 -3.84 14.18 -26.64
CA PHE B 384 -5.10 13.51 -26.99
C PHE B 384 -6.17 13.90 -25.97
N THR B 385 -5.83 13.84 -24.68
CA THR B 385 -6.76 14.18 -23.62
C THR B 385 -7.22 15.62 -23.75
N VAL B 386 -6.26 16.53 -23.98
CA VAL B 386 -6.55 17.94 -24.14
C VAL B 386 -7.38 18.13 -25.42
N HIS B 387 -6.95 17.47 -26.51
CA HIS B 387 -7.66 17.56 -27.78
C HIS B 387 -9.15 17.31 -27.57
N ASP B 388 -9.45 16.20 -26.88
CA ASP B 388 -10.81 15.71 -26.69
C ASP B 388 -11.62 16.68 -25.84
N ILE B 389 -10.98 17.37 -24.89
CA ILE B 389 -11.71 18.31 -24.04
C ILE B 389 -12.03 19.57 -24.83
N LEU B 390 -11.04 20.08 -25.56
CA LEU B 390 -11.18 21.33 -26.30
C LEU B 390 -12.11 21.12 -27.50
N LYS B 391 -12.21 19.86 -27.96
CA LYS B 391 -13.14 19.51 -29.03
C LYS B 391 -14.57 19.54 -28.47
N ALA B 392 -14.75 19.01 -27.24
CA ALA B 392 -16.04 18.96 -26.58
C ALA B 392 -16.45 20.34 -26.08
N ARG B 393 -15.50 21.28 -26.12
CA ARG B 393 -15.76 22.69 -25.81
C ARG B 393 -15.75 23.48 -27.12
N GLY B 394 -14.88 24.49 -27.21
CA GLY B 394 -14.75 25.32 -28.40
C GLY B 394 -13.97 24.61 -29.50
C1 F9F C . -3.29 -13.33 6.96
C2 F9F C . -3.24 -14.13 8.10
C3 F9F C . -4.32 -15.00 8.35
C4 F9F C . -5.42 -15.08 7.50
C5 F9F C . -5.44 -14.26 6.36
C6 F9F C . -4.37 -13.39 6.09
O7 F9F C . -2.28 -12.45 6.62
C8 F9F C . -1.09 -12.26 7.37
F9F F9F C . -1.44 -11.78 8.54
F10 F9F C . -0.45 -13.42 7.57
F11 F9F C . -0.31 -11.39 6.74
S12 F9F C . -6.64 -16.12 7.81
N13 F9F C . -7.09 -16.80 6.44
C14 F9F C . -6.06 -17.35 5.58
C15 F9F C . -6.27 -18.79 5.21
O16 F9F C . -5.17 -19.21 4.41
P17 F9F C . -5.54 -20.11 3.12
O18 F9F C . -6.06 -21.41 3.72
O19 F9F C . -4.26 -20.31 2.41
O20 F9F C . -6.61 -19.29 2.38
O21 F9F C . -7.83 -15.46 8.33
O22 F9F C . -6.17 -17.13 8.69
S DMS D . -1.69 -7.06 17.28
O DMS D . -2.81 -6.88 18.22
C1 DMS D . -1.49 -8.75 17.00
C2 DMS D . -2.12 -6.58 15.70
S DMS E . -13.88 -11.80 24.77
O DMS E . -13.13 -12.44 25.89
C1 DMS E . -15.47 -12.37 24.66
C2 DMS E . -14.30 -10.21 25.22
S DMS F . 4.80 -29.07 8.83
O DMS F . 5.71 -28.71 9.95
C1 DMS F . 3.29 -29.55 9.47
C2 DMS F . 4.34 -27.67 7.97
S DMS G . -0.82 -38.47 13.89
O DMS G . 0.04 -38.35 12.68
C1 DMS G . -1.06 -36.88 14.47
C2 DMS G . -2.42 -38.87 13.43
S DMS H . -19.90 -23.90 20.73
O DMS H . -20.22 -22.50 21.02
C1 DMS H . -20.90 -24.91 21.69
C2 DMS H . -20.59 -24.27 19.20
CL CL I . 1.49 -15.94 25.95
CL CL J . -16.09 -0.55 13.63
CL CL K . -12.34 -33.96 1.29
CS CS L . 8.26 39.79 -14.69
C1 EDO M . 24.64 10.00 -0.55
O1 EDO M . 24.50 10.52 0.77
C2 EDO M . 25.57 10.91 -1.33
O2 EDO M . 26.88 10.74 -0.81
CS CS N . -2.13 13.77 -3.16
CS CS N . -2.49 11.81 -3.93
CS CS N . -2.98 12.52 -4.83
S DMS O . 24.33 10.72 -7.64
O DMS O . 24.56 11.99 -8.38
C1 DMS O . 25.53 10.54 -6.45
C2 DMS O . 23.01 11.02 -6.61
S DMS P . -14.19 16.94 0.43
O DMS P . -14.08 15.56 -0.13
C1 DMS P . -15.83 17.40 0.47
C2 DMS P . -13.81 16.90 2.11
S DMS Q . 30.19 8.77 0.93
O DMS Q . 31.67 8.75 0.81
C1 DMS Q . 29.64 10.39 0.89
C2 DMS Q . 29.49 8.19 -0.50
S DMS R . 22.52 22.54 -18.62
O DMS R . 21.40 22.58 -19.65
C1 DMS R . 21.82 22.25 -17.08
C2 DMS R . 23.41 21.10 -18.82
C KOU S . 2.98 6.52 -12.47
N KOU S . 2.76 8.97 -12.17
O KOU S . 3.42 6.83 -13.59
P KOU S . 4.73 12.14 -7.68
N1 KOU S . 4.40 14.01 -12.72
C2 KOU S . 4.36 13.01 -13.63
C3 KOU S . 3.82 11.66 -13.25
O3 KOU S . 3.73 10.61 -14.13
C4 KOU S . 3.37 11.45 -11.86
C5 KOU S . 3.46 12.62 -10.97
C6 KOU S . 3.98 13.84 -11.45
CA KOU S . 2.65 7.65 -11.52
CB KOU S . 1.30 7.41 -10.85
OG KOU S . 0.25 7.22 -11.83
O1P KOU S . 5.28 10.90 -7.00
C2A KOU S . 4.82 13.27 -15.03
O2P KOU S . 3.80 12.88 -6.74
O3P KOU S . 5.77 13.01 -8.27
C4A KOU S . 2.82 10.13 -11.31
O4P KOU S . 3.81 11.55 -8.82
C5A KOU S . 3.00 12.50 -9.53
OXT KOU S . 2.83 5.34 -12.08
CL CL T . 16.11 4.66 14.39
CL CL U . 5.32 6.53 16.58
CL CL V . 24.01 22.44 -11.27
CL CL W . 27.57 23.15 -2.25
CL CL X . -2.25 31.54 -2.79
CL CL Y . -7.62 9.33 -11.58
CL CL Z . 23.36 37.07 -10.04
CL CL AA . -6.07 18.33 8.39
CL CL BA . 7.54 36.22 -1.64
CL CL CA . 10.26 -15.72 -1.36
#